data_5UJJ
#
_entry.id   5UJJ
#
_cell.length_a   136.352
_cell.length_b   95.277
_cell.length_c   99.623
_cell.angle_alpha   90.000
_cell.angle_beta   130.460
_cell.angle_gamma   90.000
#
_symmetry.space_group_name_H-M   'C 1 2 1'
#
loop_
_entity.id
_entity.type
_entity.pdbx_description
1 polymer 'Tryptophan--tRNA ligase, cytoplasmic'
2 non-polymer "TRYPTOPHANYL-5'AMP"
3 non-polymer 'MAGNESIUM ION'
4 water water
#
_entity_poly.entity_id   1
_entity_poly.type   'polypeptide(L)'
_entity_poly.pdbx_seq_one_letter_code
;MPNSEPASLLELFNSIATQGELVRSLKAGNASKDEIDSAVKMLVSLKMSYKAAAGEDYKADCPPGNPAPTSNHGPDATEA
EEDFVDPWTVQTSSAKGIDYDKLIVRFGSSKIDKELINRIERATGQRPHRFLRRGIFFSHRDMNQVLDAYENKKPFYLYT
GRGPSSEAMHVGHLIPFIFTKWLQDVFNVPLVIQMTDDEKYLWKDLTLDQAYSYAVENAKDIIACGFDINKTFIFSDLDY
MGMSSGFYKNVVKIQKHVTFNQVKGIFGFTDSDCIGKISFPAIQAAPSFSNSFPQIFRDRTDIQCLIPCAIDQDPYFRMT
RDVAPRIGYPKPALLHSTFFPALQGAQTKMSASDPNSSIFLTDTAKQIKTKVNKHAFSGGRDTIEEHRQFGGNCDVDVSF
MYLTFFLEDDDKLEQIRKDYTSGAMLTGELKKALIEVLQPLIAEHQARRKEVTDEIVKEFMTPRKLSFDFQKLAAALEHH
HHHH
;
_entity_poly.pdbx_strand_id   A,B
#
loop_
_chem_comp.id
_chem_comp.type
_chem_comp.name
_chem_comp.formula
MG non-polymer 'MAGNESIUM ION' 'Mg 2'
TYM non-polymer TRYPTOPHANYL-5'AMP 'C21 H24 N7 O8 P'
#
# COMPACT_ATOMS: atom_id res chain seq x y z
N SER A 8 2.12 50.31 16.83
CA SER A 8 1.21 49.47 17.67
C SER A 8 0.22 48.69 16.82
N LEU A 9 -0.51 49.40 15.96
CA LEU A 9 -1.45 48.78 15.01
C LEU A 9 -0.71 48.12 13.85
N LEU A 10 0.40 48.72 13.42
CA LEU A 10 1.33 48.11 12.46
C LEU A 10 2.03 46.88 13.04
N GLU A 11 2.38 46.95 14.33
CA GLU A 11 2.96 45.81 15.06
C GLU A 11 1.98 44.65 15.18
N LEU A 12 0.68 44.96 15.31
CA LEU A 12 -0.37 43.94 15.33
C LEU A 12 -0.54 43.31 13.95
N PHE A 13 -0.50 44.13 12.90
CA PHE A 13 -0.56 43.66 11.51
C PHE A 13 0.55 42.66 11.17
N ASN A 14 1.79 43.02 11.53
CA ASN A 14 2.96 42.17 11.27
C ASN A 14 2.91 40.83 12.01
N SER A 15 2.39 40.84 13.24
CA SER A 15 2.18 39.63 14.03
C SER A 15 1.17 38.67 13.39
N ILE A 16 0.13 39.22 12.76
CA ILE A 16 -0.86 38.42 12.04
C ILE A 16 -0.24 37.83 10.76
N ALA A 17 0.52 38.65 10.04
CA ALA A 17 1.24 38.19 8.84
C ALA A 17 2.22 37.06 9.16
N THR A 18 2.96 37.22 10.26
CA THR A 18 3.92 36.20 10.72
C THR A 18 3.22 34.90 11.14
N GLN A 19 2.15 35.02 11.92
CA GLN A 19 1.39 33.87 12.39
C GLN A 19 0.61 33.18 11.25
N GLY A 20 0.07 33.99 10.34
CA GLY A 20 -0.60 33.47 9.14
C GLY A 20 0.32 32.64 8.26
N GLU A 21 1.55 33.13 8.07
CA GLU A 21 2.57 32.39 7.33
C GLU A 21 2.99 31.10 8.04
N LEU A 22 3.05 31.16 9.38
CA LEU A 22 3.34 29.97 10.20
C LEU A 22 2.24 28.92 10.07
N VAL A 23 0.98 29.36 10.11
CA VAL A 23 -0.18 28.48 9.89
C VAL A 23 -0.16 27.88 8.48
N ARG A 24 0.17 28.70 7.49
CA ARG A 24 0.26 28.25 6.09
C ARG A 24 1.33 27.16 5.93
N SER A 25 2.48 27.35 6.58
CA SER A 25 3.58 26.37 6.53
C SER A 25 3.25 25.06 7.25
N LEU A 26 2.55 25.14 8.38
CA LEU A 26 2.11 23.94 9.12
C LEU A 26 1.17 23.05 8.31
N LYS A 27 0.23 23.66 7.58
CA LYS A 27 -0.68 22.92 6.70
C LYS A 27 0.03 22.22 5.53
N ALA A 28 1.11 22.83 5.04
CA ALA A 28 1.92 22.25 3.96
C ALA A 28 2.82 21.10 4.42
N GLY A 29 3.27 21.16 5.67
CA GLY A 29 4.14 20.11 6.24
C GLY A 29 3.37 18.96 6.85
N ASN A 30 4.06 18.16 7.67
CA ASN A 30 3.46 16.97 8.30
C ASN A 30 2.94 17.21 9.73
N ALA A 31 2.43 18.41 10.00
CA ALA A 31 1.82 18.72 11.30
C ALA A 31 0.45 18.08 11.41
N SER A 32 0.05 17.76 12.64
CA SER A 32 -1.29 17.20 12.89
C SER A 32 -2.35 18.29 12.76
N LYS A 33 -3.60 17.87 12.58
CA LYS A 33 -4.73 18.79 12.54
C LYS A 33 -4.92 19.54 13.86
N ASP A 34 -4.66 18.85 14.98
CA ASP A 34 -4.71 19.48 16.31
C ASP A 34 -3.64 20.56 16.49
N GLU A 35 -2.45 20.34 15.96
CA GLU A 35 -1.39 21.36 15.94
C GLU A 35 -1.76 22.55 15.05
N ILE A 36 -2.35 22.27 13.89
CA ILE A 36 -2.82 23.32 12.97
C ILE A 36 -3.93 24.15 13.63
N ASP A 37 -4.90 23.46 14.22
CA ASP A 37 -6.02 24.12 14.91
C ASP A 37 -5.56 25.08 16.02
N SER A 38 -4.54 24.67 16.78
CA SER A 38 -3.97 25.52 17.83
C SER A 38 -3.31 26.78 17.28
N ALA A 39 -2.59 26.64 16.15
CA ALA A 39 -2.00 27.78 15.45
C ALA A 39 -3.06 28.72 14.88
N VAL A 40 -4.13 28.13 14.33
CA VAL A 40 -5.27 28.89 13.78
C VAL A 40 -6.00 29.69 14.88
N LYS A 41 -6.15 29.10 16.07
CA LYS A 41 -6.82 29.80 17.18
C LYS A 41 -6.07 31.07 17.65
N MET A 42 -4.73 31.05 17.59
CA MET A 42 -3.94 32.27 17.80
C MET A 42 -4.19 33.27 16.67
N LEU A 43 -4.16 32.80 15.42
CA LEU A 43 -4.38 33.65 14.25
C LEU A 43 -5.74 34.35 14.28
N VAL A 44 -6.79 33.59 14.60
CA VAL A 44 -8.15 34.12 14.71
C VAL A 44 -8.24 35.17 15.84
N SER A 45 -7.59 34.89 16.97
CA SER A 45 -7.55 35.80 18.12
C SER A 45 -6.92 37.16 17.77
N LEU A 46 -5.79 37.12 17.07
CA LEU A 46 -5.09 38.34 16.64
C LEU A 46 -5.90 39.15 15.62
N LYS A 47 -6.53 38.47 14.67
CA LYS A 47 -7.37 39.11 13.64
C LYS A 47 -8.62 39.78 14.22
N MET A 48 -9.22 39.17 15.25
CA MET A 48 -10.39 39.75 15.93
C MET A 48 -10.00 41.00 16.73
N SER A 49 -8.82 40.96 17.36
CA SER A 49 -8.26 42.13 18.04
C SER A 49 -7.93 43.26 17.07
N TYR A 50 -7.43 42.90 15.88
CA TYR A 50 -7.14 43.88 14.82
C TYR A 50 -8.41 44.53 14.27
N LYS A 51 -9.44 43.72 14.04
CA LYS A 51 -10.73 44.20 13.52
C LYS A 51 -11.37 45.25 14.43
N ALA A 52 -11.29 45.03 15.74
CA ALA A 52 -11.80 45.98 16.74
C ALA A 52 -10.94 47.23 16.85
N ALA A 53 -9.62 47.06 16.84
CA ALA A 53 -8.68 48.18 16.97
C ALA A 53 -8.64 49.06 15.72
N ALA A 54 -8.48 48.43 14.56
CA ALA A 54 -8.41 49.14 13.27
C ALA A 54 -9.79 49.58 12.74
N GLY A 55 -10.86 48.90 13.16
CA GLY A 55 -12.19 49.15 12.63
C GLY A 55 -12.39 48.63 11.22
N GLU A 56 -11.59 47.63 10.83
CA GLU A 56 -11.68 47.00 9.52
C GLU A 56 -10.90 45.68 9.53
N ASP A 57 -11.26 44.77 8.62
CA ASP A 57 -10.64 43.44 8.57
C ASP A 57 -9.17 43.50 8.15
N TYR A 58 -8.41 42.50 8.60
CA TYR A 58 -7.03 42.30 8.14
C TYR A 58 -7.03 41.86 6.68
N LYS A 59 -6.19 42.51 5.86
CA LYS A 59 -5.89 42.04 4.52
C LYS A 59 -4.37 42.09 4.31
N ALA A 60 -3.79 40.97 3.90
CA ALA A 60 -2.33 40.80 3.77
C ALA A 60 -1.65 41.83 2.84
N ASP A 61 -2.39 42.32 1.85
CA ASP A 61 -1.89 43.34 0.91
C ASP A 61 -1.55 44.68 1.59
N CYS A 62 -2.40 45.10 2.53
CA CYS A 62 -2.37 46.47 3.08
C CYS A 62 -1.87 46.53 4.55
N PRO A 63 -0.63 47.04 4.77
CA PRO A 63 -0.10 47.29 6.11
C PRO A 63 -0.95 48.09 7.14
N PRO A 64 -1.37 49.35 6.83
CA PRO A 64 -1.91 50.28 7.83
C PRO A 64 -2.53 49.68 9.09
N GLU A 82 28.96 15.88 5.77
CA GLU A 82 27.96 16.38 6.71
C GLU A 82 26.71 16.94 6.02
N ASP A 83 26.76 17.14 4.70
CA ASP A 83 25.56 17.46 3.92
C ASP A 83 24.54 16.32 4.04
N PHE A 84 23.31 16.65 4.40
CA PHE A 84 22.24 15.66 4.49
C PHE A 84 21.25 15.86 3.34
N VAL A 85 21.10 14.82 2.52
CA VAL A 85 20.16 14.80 1.40
C VAL A 85 19.40 13.47 1.41
N ASP A 86 18.09 13.54 1.65
CA ASP A 86 17.19 12.41 1.49
C ASP A 86 15.84 12.94 1.01
N PRO A 87 14.85 12.06 0.71
CA PRO A 87 13.57 12.53 0.16
C PRO A 87 12.82 13.62 0.95
N TRP A 88 13.05 13.71 2.26
CA TRP A 88 12.34 14.65 3.13
C TRP A 88 13.15 15.87 3.59
N THR A 89 14.48 15.80 3.54
CA THR A 89 15.33 16.88 4.05
C THR A 89 16.53 17.16 3.13
N VAL A 90 16.78 18.44 2.88
CA VAL A 90 18.02 18.92 2.29
C VAL A 90 18.60 19.97 3.24
N GLN A 91 19.75 19.67 3.83
CA GLN A 91 20.37 20.53 4.84
C GLN A 91 21.89 20.58 4.67
N THR A 92 22.44 21.78 4.80
CA THR A 92 23.89 21.99 4.86
C THR A 92 24.20 23.30 5.59
N SER A 93 25.34 23.34 6.28
CA SER A 93 25.80 24.55 6.97
C SER A 93 26.51 25.53 6.03
N SER A 94 26.87 25.09 4.82
CA SER A 94 27.52 25.94 3.82
C SER A 94 26.51 26.90 3.18
N ALA A 95 26.88 28.18 3.13
CA ALA A 95 26.09 29.19 2.43
C ALA A 95 26.12 29.01 0.90
N LYS A 96 27.16 28.32 0.40
CA LYS A 96 27.25 28.00 -1.03
C LYS A 96 26.29 26.89 -1.48
N GLY A 97 25.78 26.10 -0.53
CA GLY A 97 24.82 25.04 -0.82
C GLY A 97 25.45 23.67 -0.81
N ILE A 98 24.72 22.69 -1.35
CA ILE A 98 25.15 21.30 -1.34
C ILE A 98 26.35 21.11 -2.27
N ASP A 99 27.37 20.40 -1.79
CA ASP A 99 28.50 20.01 -2.62
C ASP A 99 28.05 18.85 -3.51
N TYR A 100 27.60 19.20 -4.72
CA TYR A 100 27.00 18.23 -5.64
C TYR A 100 27.98 17.19 -6.18
N ASP A 101 29.26 17.56 -6.30
CA ASP A 101 30.31 16.61 -6.71
C ASP A 101 30.54 15.53 -5.65
N LYS A 102 30.58 15.92 -4.38
CA LYS A 102 30.67 14.96 -3.27
C LYS A 102 29.42 14.08 -3.14
N LEU A 103 28.26 14.65 -3.48
CA LEU A 103 26.99 13.92 -3.45
C LEU A 103 26.93 12.81 -4.52
N ILE A 104 27.53 13.06 -5.69
CA ILE A 104 27.67 12.05 -6.75
C ILE A 104 28.48 10.85 -6.27
N VAL A 105 29.60 11.12 -5.60
CA VAL A 105 30.49 10.07 -5.09
C VAL A 105 29.80 9.26 -3.99
N ARG A 106 29.09 9.95 -3.10
CA ARG A 106 28.36 9.29 -2.00
C ARG A 106 27.20 8.43 -2.52
N PHE A 107 26.40 8.97 -3.44
CA PHE A 107 25.27 8.23 -4.04
C PHE A 107 25.70 7.23 -5.11
N GLY A 108 26.91 7.37 -5.64
CA GLY A 108 27.43 6.46 -6.66
C GLY A 108 26.84 6.65 -8.06
N SER A 109 26.37 7.86 -8.34
CA SER A 109 25.82 8.19 -9.66
C SER A 109 26.95 8.63 -10.59
N SER A 110 26.61 9.02 -11.82
CA SER A 110 27.59 9.48 -12.82
C SER A 110 27.41 10.96 -13.13
N LYS A 111 28.54 11.68 -13.18
CA LYS A 111 28.56 13.09 -13.57
C LYS A 111 28.18 13.24 -15.05
N ILE A 112 27.26 14.17 -15.34
CA ILE A 112 26.91 14.49 -16.72
C ILE A 112 28.02 15.37 -17.29
N ASP A 113 28.80 14.82 -18.23
CA ASP A 113 29.92 15.53 -18.85
C ASP A 113 29.52 16.13 -20.20
N LYS A 114 30.43 16.92 -20.77
CA LYS A 114 30.21 17.56 -22.08
C LYS A 114 29.93 16.54 -23.18
N GLU A 115 30.62 15.39 -23.13
CA GLU A 115 30.46 14.32 -24.14
C GLU A 115 29.03 13.76 -24.20
N LEU A 116 28.42 13.58 -23.02
CA LEU A 116 27.02 13.13 -22.93
C LEU A 116 26.06 14.22 -23.45
N ILE A 117 26.31 15.46 -23.08
CA ILE A 117 25.50 16.61 -23.56
C ILE A 117 25.59 16.75 -25.08
N ASN A 118 26.80 16.63 -25.63
CA ASN A 118 27.01 16.60 -27.08
C ASN A 118 26.26 15.46 -27.77
N ARG A 119 26.19 14.31 -27.13
CA ARG A 119 25.45 13.15 -27.67
C ARG A 119 23.94 13.39 -27.71
N ILE A 120 23.41 14.05 -26.68
CA ILE A 120 21.99 14.42 -26.64
C ILE A 120 21.67 15.43 -27.75
N GLU A 121 22.57 16.40 -27.95
CA GLU A 121 22.44 17.38 -29.04
C GLU A 121 22.41 16.72 -30.42
N ARG A 122 23.35 15.78 -30.66
CA ARG A 122 23.39 15.02 -31.92
C ARG A 122 22.13 14.20 -32.17
N ALA A 123 21.64 13.54 -31.12
CA ALA A 123 20.47 12.67 -31.20
C ALA A 123 19.15 13.43 -31.40
N THR A 124 19.04 14.62 -30.81
CA THR A 124 17.82 15.44 -30.88
C THR A 124 17.85 16.52 -31.96
N GLY A 125 19.05 17.03 -32.27
CA GLY A 125 19.19 18.17 -33.18
C GLY A 125 18.71 19.48 -32.59
N GLN A 126 18.65 19.54 -31.26
CA GLN A 126 18.15 20.69 -30.53
C GLN A 126 19.25 21.19 -29.60
N ARG A 127 19.24 22.49 -29.33
CA ARG A 127 20.17 23.09 -28.38
C ARG A 127 19.94 22.45 -27.01
N PRO A 128 21.02 22.00 -26.34
CA PRO A 128 20.84 21.44 -24.99
C PRO A 128 20.14 22.43 -24.06
N HIS A 129 19.19 21.92 -23.27
CA HIS A 129 18.41 22.74 -22.34
C HIS A 129 19.36 23.46 -21.38
N ARG A 130 18.99 24.68 -20.98
CA ARG A 130 19.84 25.51 -20.11
C ARG A 130 20.25 24.82 -18.80
N PHE A 131 19.38 23.97 -18.27
CA PHE A 131 19.70 23.14 -17.11
C PHE A 131 20.90 22.21 -17.37
N LEU A 132 20.98 21.64 -18.56
CA LEU A 132 22.15 20.85 -18.96
C LEU A 132 23.39 21.72 -19.19
N ARG A 133 23.21 22.84 -19.89
CA ARG A 133 24.31 23.79 -20.15
C ARG A 133 24.96 24.34 -18.87
N ARG A 134 24.15 24.60 -17.85
CA ARG A 134 24.62 25.22 -16.60
C ARG A 134 24.80 24.24 -15.43
N GLY A 135 24.78 22.94 -15.71
CA GLY A 135 24.99 21.93 -14.67
C GLY A 135 23.94 21.90 -13.57
N ILE A 136 22.70 22.23 -13.92
CA ILE A 136 21.57 22.14 -12.99
C ILE A 136 21.08 20.69 -12.98
N PHE A 137 20.80 20.16 -14.18
CA PHE A 137 20.69 18.71 -14.36
C PHE A 137 22.11 18.20 -14.59
N PHE A 138 22.68 17.61 -13.54
CA PHE A 138 24.13 17.42 -13.39
C PHE A 138 24.60 15.97 -13.26
N SER A 139 23.70 15.07 -12.84
CA SER A 139 24.05 13.68 -12.57
C SER A 139 23.05 12.74 -13.25
N HIS A 140 23.51 11.52 -13.51
CA HIS A 140 22.68 10.52 -14.20
C HIS A 140 23.03 9.09 -13.80
N ARG A 141 22.17 8.17 -14.23
CA ARG A 141 22.44 6.73 -14.24
C ARG A 141 21.92 6.17 -15.56
N ASP A 142 22.81 5.53 -16.33
CA ASP A 142 22.44 4.81 -17.57
C ASP A 142 21.78 5.66 -18.68
N MET A 143 22.13 6.94 -18.75
CA MET A 143 21.61 7.82 -19.80
C MET A 143 22.15 7.43 -21.18
N ASN A 144 23.36 6.87 -21.22
CA ASN A 144 23.91 6.32 -22.47
C ASN A 144 23.09 5.12 -22.99
N GLN A 145 22.59 4.29 -22.08
CA GLN A 145 21.68 3.18 -22.47
C GLN A 145 20.37 3.68 -23.07
N VAL A 146 19.85 4.79 -22.55
CA VAL A 146 18.66 5.44 -23.11
C VAL A 146 18.95 5.94 -24.52
N LEU A 147 20.11 6.57 -24.70
CA LEU A 147 20.55 7.05 -26.01
C LEU A 147 20.90 5.90 -26.97
N ASP A 148 21.44 4.81 -26.45
CA ASP A 148 21.65 3.58 -27.25
C ASP A 148 20.32 3.09 -27.83
N ALA A 149 19.31 3.01 -26.98
CA ALA A 149 17.97 2.59 -27.39
C ALA A 149 17.34 3.55 -28.41
N TYR A 150 17.40 4.85 -28.11
CA TYR A 150 16.84 5.88 -28.99
C TYR A 150 17.50 5.91 -30.36
N GLU A 151 18.84 5.86 -30.38
CA GLU A 151 19.61 5.84 -31.63
C GLU A 151 19.40 4.58 -32.47
N ASN A 152 19.07 3.46 -31.82
CA ASN A 152 18.72 2.21 -32.52
C ASN A 152 17.20 2.02 -32.73
N LYS A 153 16.45 3.11 -32.66
CA LYS A 153 14.99 3.12 -32.88
C LYS A 153 14.19 2.18 -31.95
N LYS A 154 14.70 1.98 -30.73
CA LYS A 154 13.99 1.24 -29.70
C LYS A 154 13.28 2.26 -28.80
N PRO A 155 12.07 1.92 -28.33
CA PRO A 155 11.28 2.88 -27.56
C PRO A 155 11.81 3.09 -26.14
N PHE A 156 11.60 4.27 -25.59
CA PHE A 156 11.70 4.50 -24.15
C PHE A 156 10.59 5.44 -23.69
N TYR A 157 10.41 5.54 -22.37
CA TYR A 157 9.39 6.42 -21.80
C TYR A 157 9.88 7.16 -20.57
N LEU A 158 9.24 8.30 -20.29
CA LEU A 158 9.58 9.15 -19.16
C LEU A 158 8.69 8.82 -17.98
N TYR A 159 9.27 8.90 -16.78
CA TYR A 159 8.52 8.72 -15.55
C TYR A 159 9.03 9.74 -14.52
N THR A 160 8.12 10.58 -14.03
CA THR A 160 8.42 11.47 -12.90
C THR A 160 7.18 11.51 -11.99
N GLY A 161 7.23 12.32 -10.94
CA GLY A 161 6.11 12.35 -10.00
C GLY A 161 6.06 13.53 -9.07
N ARG A 162 4.98 13.57 -8.30
CA ARG A 162 4.67 14.67 -7.40
C ARG A 162 3.93 14.12 -6.18
N GLY A 163 4.46 14.39 -5.00
CA GLY A 163 3.78 14.11 -3.75
C GLY A 163 2.91 15.30 -3.42
N PRO A 164 1.57 15.18 -3.62
CA PRO A 164 0.70 16.35 -3.45
C PRO A 164 0.46 16.66 -1.98
N SER A 165 1.46 17.30 -1.37
CA SER A 165 1.45 17.61 0.07
C SER A 165 0.56 18.80 0.40
N SER A 166 0.27 19.64 -0.58
CA SER A 166 -0.74 20.68 -0.46
C SER A 166 -1.19 21.15 -1.85
N GLU A 167 -2.16 22.05 -1.88
CA GLU A 167 -2.44 22.83 -3.09
C GLU A 167 -1.31 23.85 -3.27
N ALA A 168 -1.11 24.27 -4.52
CA ALA A 168 -0.08 25.24 -4.90
C ALA A 168 1.34 24.69 -4.77
N MET A 169 1.92 24.34 -5.93
CA MET A 169 3.34 24.03 -6.03
C MET A 169 4.14 25.33 -6.06
N HIS A 170 5.45 25.23 -5.88
CA HIS A 170 6.37 26.38 -5.90
C HIS A 170 7.32 26.32 -7.10
N VAL A 171 8.11 27.38 -7.28
CA VAL A 171 8.99 27.53 -8.45
C VAL A 171 10.05 26.43 -8.51
N GLY A 172 10.56 26.01 -7.36
CA GLY A 172 11.41 24.82 -7.24
C GLY A 172 10.89 23.56 -7.91
N HIS A 173 9.58 23.33 -7.84
CA HIS A 173 8.95 22.17 -8.49
C HIS A 173 8.94 22.26 -10.02
N LEU A 174 9.00 23.47 -10.58
CA LEU A 174 9.10 23.64 -12.03
C LEU A 174 10.40 23.10 -12.66
N ILE A 175 11.46 22.92 -11.87
CA ILE A 175 12.75 22.47 -12.40
C ILE A 175 12.66 21.07 -13.05
N PRO A 176 12.18 20.05 -12.30
CA PRO A 176 12.00 18.73 -12.94
C PRO A 176 10.91 18.67 -14.02
N PHE A 177 9.80 19.38 -13.82
CA PHE A 177 8.67 19.32 -14.76
C PHE A 177 8.93 20.08 -16.09
N ILE A 178 9.58 21.23 -16.03
CA ILE A 178 10.03 21.93 -17.25
C ILE A 178 10.99 21.05 -18.04
N PHE A 179 11.96 20.46 -17.35
CA PHE A 179 12.95 19.58 -17.99
C PHE A 179 12.31 18.32 -18.59
N THR A 180 11.38 17.70 -17.85
CA THR A 180 10.65 16.54 -18.34
C THR A 180 9.82 16.86 -19.59
N LYS A 181 9.20 18.05 -19.59
CA LYS A 181 8.46 18.53 -20.76
C LYS A 181 9.38 18.74 -21.97
N TRP A 182 10.58 19.27 -21.73
CA TRP A 182 11.60 19.42 -22.77
C TRP A 182 12.05 18.07 -23.32
N LEU A 183 12.35 17.13 -22.43
CA LEU A 183 12.72 15.77 -22.83
C LEU A 183 11.62 15.12 -23.68
N GLN A 184 10.36 15.27 -23.27
CA GLN A 184 9.22 14.76 -24.04
C GLN A 184 9.15 15.38 -25.43
N ASP A 185 9.38 16.69 -25.55
CA ASP A 185 9.34 17.38 -26.84
C ASP A 185 10.48 16.93 -27.77
N VAL A 186 11.71 16.96 -27.27
CA VAL A 186 12.89 16.67 -28.08
C VAL A 186 13.08 15.19 -28.44
N PHE A 187 12.67 14.28 -27.56
CA PHE A 187 12.72 12.83 -27.84
C PHE A 187 11.43 12.24 -28.39
N ASN A 188 10.29 12.91 -28.15
CA ASN A 188 8.97 12.46 -28.62
C ASN A 188 8.60 11.07 -28.07
N VAL A 189 8.40 11.02 -26.75
CA VAL A 189 8.15 9.75 -26.03
C VAL A 189 6.98 9.89 -25.07
N PRO A 190 6.35 8.76 -24.69
CA PRO A 190 5.27 8.83 -23.69
C PRO A 190 5.80 9.15 -22.28
N LEU A 191 4.92 9.73 -21.46
CA LEU A 191 5.24 10.16 -20.11
C LEU A 191 4.18 9.65 -19.14
N VAL A 192 4.63 9.09 -18.01
CA VAL A 192 3.75 8.76 -16.89
C VAL A 192 4.14 9.64 -15.69
N ILE A 193 3.14 10.24 -15.04
CA ILE A 193 3.38 11.13 -13.89
C ILE A 193 2.61 10.60 -12.67
N GLN A 194 3.37 10.15 -11.66
CA GLN A 194 2.79 9.55 -10.46
C GLN A 194 2.41 10.63 -9.44
N MET A 195 1.13 10.74 -9.15
CA MET A 195 0.63 11.57 -8.05
C MET A 195 0.46 10.66 -6.84
N THR A 196 1.38 10.77 -5.87
CA THR A 196 1.40 9.86 -4.72
C THR A 196 0.53 10.37 -3.57
N ASP A 197 -0.77 10.38 -3.80
CA ASP A 197 -1.74 10.76 -2.75
C ASP A 197 -1.77 9.76 -1.59
N ASP A 198 -1.51 8.48 -1.87
CA ASP A 198 -1.36 7.49 -0.80
C ASP A 198 -0.15 7.76 0.10
N GLU A 199 0.97 8.20 -0.49
CA GLU A 199 2.14 8.65 0.29
C GLU A 199 1.76 9.76 1.26
N LYS A 200 1.11 10.79 0.73
CA LYS A 200 0.74 11.96 1.51
C LYS A 200 -0.31 11.65 2.58
N TYR A 201 -1.23 10.75 2.28
CA TYR A 201 -2.15 10.24 3.29
C TYR A 201 -1.38 9.57 4.44
N LEU A 202 -0.40 8.73 4.09
CA LEU A 202 0.40 8.01 5.09
C LEU A 202 1.26 8.94 5.96
N TRP A 203 1.88 9.95 5.34
CA TRP A 203 2.81 10.85 6.05
C TRP A 203 2.13 12.04 6.74
N LYS A 204 1.09 12.60 6.13
CA LYS A 204 0.38 13.76 6.68
C LYS A 204 -0.88 13.34 7.44
N ASP A 205 -1.48 14.30 8.13
CA ASP A 205 -2.78 14.11 8.78
C ASP A 205 -3.87 14.58 7.82
N LEU A 206 -4.27 13.69 6.92
CA LEU A 206 -5.29 13.97 5.90
C LEU A 206 -6.27 12.81 5.79
N THR A 207 -7.46 13.11 5.27
CA THR A 207 -8.38 12.06 4.81
C THR A 207 -7.97 11.64 3.40
N LEU A 208 -8.52 10.52 2.93
CA LEU A 208 -8.26 10.04 1.58
C LEU A 208 -8.79 11.02 0.51
N ASP A 209 -9.97 11.59 0.76
CA ASP A 209 -10.56 12.59 -0.14
C ASP A 209 -9.73 13.88 -0.22
N GLN A 210 -9.17 14.31 0.92
CA GLN A 210 -8.27 15.48 0.94
C GLN A 210 -6.98 15.23 0.16
N ALA A 211 -6.39 14.04 0.33
CA ALA A 211 -5.18 13.65 -0.40
C ALA A 211 -5.43 13.55 -1.91
N TYR A 212 -6.55 12.96 -2.29
CA TYR A 212 -6.94 12.86 -3.71
C TYR A 212 -7.22 14.22 -4.34
N SER A 213 -7.86 15.12 -3.59
CA SER A 213 -8.15 16.48 -4.08
C SER A 213 -6.88 17.28 -4.34
N TYR A 214 -5.88 17.14 -3.47
CA TYR A 214 -4.56 17.76 -3.69
C TYR A 214 -3.87 17.21 -4.94
N ALA A 215 -4.05 15.92 -5.21
CA ALA A 215 -3.49 15.29 -6.42
C ALA A 215 -4.12 15.84 -7.71
N VAL A 216 -5.43 16.05 -7.68
CA VAL A 216 -6.16 16.62 -8.82
C VAL A 216 -5.73 18.08 -9.07
N GLU A 217 -5.66 18.87 -8.00
CA GLU A 217 -5.23 20.27 -8.10
C GLU A 217 -3.77 20.42 -8.54
N ASN A 218 -2.89 19.58 -7.99
CA ASN A 218 -1.49 19.55 -8.42
C ASN A 218 -1.32 19.06 -9.87
N ALA A 219 -2.21 18.17 -10.32
CA ALA A 219 -2.24 17.75 -11.73
C ALA A 219 -2.52 18.93 -12.68
N LYS A 220 -3.38 19.86 -12.25
CA LYS A 220 -3.65 21.09 -13.02
C LYS A 220 -2.40 21.96 -13.18
N ASP A 221 -1.60 22.06 -12.12
CA ASP A 221 -0.31 22.76 -12.17
C ASP A 221 0.65 22.06 -13.13
N ILE A 222 0.70 20.73 -13.04
CA ILE A 222 1.56 19.92 -13.92
C ILE A 222 1.12 20.05 -15.38
N ILE A 223 -0.17 19.94 -15.64
CA ILE A 223 -0.72 20.11 -17.01
C ILE A 223 -0.42 21.51 -17.56
N ALA A 224 -0.43 22.53 -16.70
CA ALA A 224 -0.10 23.91 -17.10
C ALA A 224 1.35 24.14 -17.56
N CYS A 225 2.24 23.19 -17.32
CA CYS A 225 3.59 23.21 -17.91
C CYS A 225 3.61 22.87 -19.41
N GLY A 226 2.48 22.39 -19.94
CA GLY A 226 2.30 22.23 -21.39
C GLY A 226 2.57 20.83 -21.93
N PHE A 227 2.38 19.81 -21.10
CA PHE A 227 2.57 18.42 -21.53
C PHE A 227 1.49 18.04 -22.54
N ASP A 228 1.87 17.23 -23.53
CA ASP A 228 0.93 16.81 -24.58
C ASP A 228 -0.05 15.78 -24.03
N ILE A 229 -1.34 16.07 -24.16
CA ILE A 229 -2.41 15.17 -23.70
C ILE A 229 -2.42 13.82 -24.43
N ASN A 230 -1.94 13.79 -25.67
CA ASN A 230 -1.83 12.57 -26.45
C ASN A 230 -0.63 11.69 -26.06
N LYS A 231 0.28 12.20 -25.23
CA LYS A 231 1.53 11.52 -24.87
C LYS A 231 1.78 11.40 -23.34
N THR A 232 0.80 11.78 -22.52
CA THR A 232 1.03 11.96 -21.08
C THR A 232 -0.11 11.34 -20.26
N PHE A 233 0.25 10.45 -19.34
CA PHE A 233 -0.70 9.85 -18.39
C PHE A 233 -0.32 10.27 -16.97
N ILE A 234 -1.18 11.08 -16.35
CA ILE A 234 -0.99 11.53 -14.97
C ILE A 234 -1.94 10.69 -14.12
N PHE A 235 -1.43 10.02 -13.09
CA PHE A 235 -2.28 9.12 -12.30
C PHE A 235 -2.17 9.31 -10.79
N SER A 236 -3.33 9.24 -10.14
CA SER A 236 -3.44 9.14 -8.69
C SER A 236 -3.17 7.68 -8.31
N ASP A 237 -2.31 7.46 -7.32
CA ASP A 237 -2.03 6.11 -6.82
C ASP A 237 -3.28 5.44 -6.25
N LEU A 238 -4.03 6.18 -5.44
CA LEU A 238 -5.28 5.65 -4.84
C LEU A 238 -6.28 5.20 -5.90
N ASP A 239 -6.42 5.99 -6.97
CA ASP A 239 -7.30 5.63 -8.09
C ASP A 239 -6.72 4.51 -8.97
N TYR A 240 -5.46 4.66 -9.39
CA TYR A 240 -4.87 3.75 -10.38
C TYR A 240 -4.61 2.33 -9.85
N MET A 241 -4.28 2.22 -8.56
CA MET A 241 -4.12 0.89 -7.93
C MET A 241 -5.39 0.05 -8.00
N GLY A 242 -6.55 0.71 -7.92
CA GLY A 242 -7.86 0.05 -7.99
C GLY A 242 -8.42 -0.26 -9.37
N MET A 243 -7.73 0.16 -10.44
CA MET A 243 -8.22 -0.06 -11.81
C MET A 243 -7.16 -0.55 -12.81
N SER A 244 -6.02 -1.05 -12.32
CA SER A 244 -4.91 -1.48 -13.17
C SER A 244 -4.68 -2.99 -13.05
N SER A 245 -4.59 -3.67 -14.19
CA SER A 245 -4.28 -5.11 -14.21
C SER A 245 -2.79 -5.44 -14.06
N GLY A 246 -1.92 -4.43 -14.00
CA GLY A 246 -0.47 -4.63 -13.82
C GLY A 246 0.21 -3.96 -12.63
N PHE A 247 -0.37 -2.87 -12.11
CA PHE A 247 0.33 -2.01 -11.15
C PHE A 247 0.57 -2.68 -9.80
N TYR A 248 -0.50 -3.17 -9.17
CA TYR A 248 -0.37 -3.88 -7.88
C TYR A 248 0.49 -5.14 -7.99
N LYS A 249 0.38 -5.86 -9.10
CA LYS A 249 1.20 -7.05 -9.34
C LYS A 249 2.70 -6.73 -9.26
N ASN A 250 3.13 -5.64 -9.89
CA ASN A 250 4.52 -5.17 -9.78
C ASN A 250 4.89 -4.67 -8.38
N VAL A 251 3.96 -4.00 -7.70
CA VAL A 251 4.17 -3.58 -6.31
C VAL A 251 4.47 -4.80 -5.43
N VAL A 252 3.69 -5.87 -5.59
CA VAL A 252 3.88 -7.12 -4.82
C VAL A 252 5.24 -7.76 -5.14
N LYS A 253 5.60 -7.82 -6.43
CA LYS A 253 6.91 -8.32 -6.86
C LYS A 253 8.05 -7.57 -6.17
N ILE A 254 7.98 -6.24 -6.21
CA ILE A 254 9.02 -5.39 -5.63
C ILE A 254 9.09 -5.58 -4.10
N GLN A 255 7.92 -5.69 -3.47
CA GLN A 255 7.82 -5.90 -2.01
C GLN A 255 8.49 -7.18 -1.50
N LYS A 256 8.55 -8.22 -2.34
CA LYS A 256 9.24 -9.46 -1.97
C LYS A 256 10.77 -9.31 -1.88
N HIS A 257 11.32 -8.39 -2.68
CA HIS A 257 12.77 -8.25 -2.83
C HIS A 257 13.36 -7.02 -2.12
N VAL A 258 12.65 -6.50 -1.12
CA VAL A 258 13.15 -5.44 -0.25
C VAL A 258 12.75 -5.75 1.20
N THR A 259 13.73 -5.76 2.10
CA THR A 259 13.48 -6.01 3.53
C THR A 259 13.29 -4.71 4.30
N PHE A 260 12.79 -4.81 5.53
CA PHE A 260 12.68 -3.65 6.42
C PHE A 260 14.05 -3.10 6.81
N ASN A 261 15.00 -4.00 7.08
CA ASN A 261 16.41 -3.62 7.29
C ASN A 261 16.96 -2.74 6.17
N GLN A 262 16.64 -3.09 4.93
CA GLN A 262 17.09 -2.34 3.76
C GLN A 262 16.47 -0.94 3.68
N VAL A 263 15.15 -0.85 3.85
CA VAL A 263 14.48 0.48 3.88
C VAL A 263 14.82 1.33 5.10
N LYS A 264 15.14 0.68 6.23
CA LYS A 264 15.68 1.38 7.39
C LYS A 264 17.04 2.02 7.05
N GLY A 265 17.90 1.29 6.35
CA GLY A 265 19.20 1.79 5.92
C GLY A 265 19.10 2.89 4.87
N ILE A 266 18.22 2.69 3.89
CA ILE A 266 18.05 3.63 2.79
C ILE A 266 17.31 4.90 3.23
N PHE A 267 16.13 4.73 3.82
CA PHE A 267 15.22 5.84 4.10
C PHE A 267 15.19 6.33 5.57
N GLY A 268 15.86 5.62 6.47
CA GLY A 268 15.88 5.99 7.88
C GLY A 268 14.59 5.72 8.64
N PHE A 269 13.81 4.72 8.20
CA PHE A 269 12.59 4.32 8.90
C PHE A 269 12.95 3.59 10.20
N THR A 270 12.04 3.61 11.15
CA THR A 270 12.16 2.86 12.40
C THR A 270 10.93 1.99 12.62
N ASP A 271 11.01 1.09 13.59
CA ASP A 271 9.90 0.17 13.89
C ASP A 271 8.63 0.83 14.48
N SER A 272 8.76 2.07 14.94
CA SER A 272 7.60 2.88 15.35
C SER A 272 6.78 3.42 14.17
N ASP A 273 7.34 3.42 12.95
CA ASP A 273 6.61 3.88 11.76
C ASP A 273 5.51 2.89 11.36
N CYS A 274 4.46 3.43 10.73
CA CYS A 274 3.35 2.62 10.25
C CYS A 274 3.80 1.73 9.08
N ILE A 275 3.18 0.57 8.95
CA ILE A 275 3.55 -0.40 7.90
C ILE A 275 3.36 0.11 6.47
N GLY A 276 2.47 1.09 6.29
CA GLY A 276 2.32 1.78 5.01
C GLY A 276 3.56 2.53 4.55
N LYS A 277 4.18 3.28 5.47
CA LYS A 277 5.44 3.99 5.18
C LYS A 277 6.55 3.02 4.77
N ILE A 278 6.65 1.91 5.52
CA ILE A 278 7.68 0.89 5.29
C ILE A 278 7.54 0.25 3.90
N SER A 279 6.31 0.01 3.47
CA SER A 279 6.04 -0.61 2.16
C SER A 279 5.95 0.38 0.99
N PHE A 280 5.84 1.69 1.28
CA PHE A 280 5.63 2.68 0.22
C PHE A 280 6.70 2.73 -0.90
N PRO A 281 8.00 2.55 -0.56
CA PRO A 281 9.03 2.58 -1.62
C PRO A 281 8.75 1.71 -2.86
N ALA A 282 8.10 0.56 -2.66
CA ALA A 282 7.68 -0.31 -3.76
C ALA A 282 6.65 0.36 -4.69
N ILE A 283 5.81 1.22 -4.15
CA ILE A 283 4.81 1.97 -4.94
C ILE A 283 5.48 3.03 -5.81
N GLN A 284 6.49 3.71 -5.29
CA GLN A 284 7.27 4.65 -6.11
C GLN A 284 8.21 3.94 -7.11
N ALA A 285 8.62 2.72 -6.78
CA ALA A 285 9.41 1.89 -7.70
C ALA A 285 8.60 1.37 -8.90
N ALA A 286 7.34 1.01 -8.65
CA ALA A 286 6.50 0.28 -9.63
C ALA A 286 6.31 0.92 -11.02
N PRO A 287 6.16 2.27 -11.11
CA PRO A 287 6.03 2.91 -12.44
C PRO A 287 7.28 2.84 -13.33
N SER A 288 8.42 2.45 -12.77
CA SER A 288 9.66 2.24 -13.54
C SER A 288 9.59 1.09 -14.54
N PHE A 289 8.59 0.22 -14.40
CA PHE A 289 8.45 -0.96 -15.24
C PHE A 289 7.20 -0.85 -16.13
N SER A 290 7.39 -1.12 -17.43
CA SER A 290 6.38 -0.80 -18.45
C SER A 290 5.06 -1.57 -18.33
N ASN A 291 5.10 -2.82 -17.86
CA ASN A 291 3.85 -3.60 -17.71
C ASN A 291 2.98 -3.20 -16.50
N SER A 292 3.43 -2.22 -15.71
CA SER A 292 2.53 -1.48 -14.80
C SER A 292 1.45 -0.68 -15.54
N PHE A 293 1.74 -0.33 -16.80
CA PHE A 293 0.82 0.38 -17.67
C PHE A 293 0.55 -0.44 -18.94
N PRO A 294 -0.23 -1.54 -18.81
CA PRO A 294 -0.51 -2.43 -19.96
C PRO A 294 -1.28 -1.77 -21.11
N GLN A 295 -2.16 -0.82 -20.79
CA GLN A 295 -2.91 -0.08 -21.82
C GLN A 295 -2.04 0.86 -22.66
N ILE A 296 -0.89 1.28 -22.12
CA ILE A 296 0.05 2.13 -22.86
C ILE A 296 1.02 1.31 -23.70
N PHE A 297 1.62 0.27 -23.11
CA PHE A 297 2.76 -0.44 -23.71
C PHE A 297 2.49 -1.87 -24.24
N ARG A 298 1.21 -2.20 -24.49
CA ARG A 298 0.81 -3.51 -25.03
C ARG A 298 1.44 -4.72 -24.29
N ASP A 299 1.32 -4.70 -22.97
CA ASP A 299 1.80 -5.80 -22.09
C ASP A 299 3.32 -6.09 -22.12
N ARG A 300 4.11 -5.16 -22.67
CA ARG A 300 5.55 -5.39 -22.83
C ARG A 300 6.30 -5.02 -21.55
N THR A 301 7.40 -5.73 -21.30
CA THR A 301 8.21 -5.59 -20.09
C THR A 301 9.62 -5.05 -20.36
N ASP A 302 9.92 -4.68 -21.60
CA ASP A 302 11.30 -4.35 -22.03
C ASP A 302 11.50 -2.89 -22.46
N ILE A 303 10.51 -2.02 -22.19
CA ILE A 303 10.58 -0.63 -22.64
C ILE A 303 11.45 0.13 -21.65
N GLN A 304 12.53 0.74 -22.14
CA GLN A 304 13.46 1.53 -21.30
C GLN A 304 12.71 2.67 -20.60
N CYS A 305 13.01 2.87 -19.33
CA CYS A 305 12.42 3.95 -18.53
C CYS A 305 13.49 4.96 -18.15
N LEU A 306 13.15 6.25 -18.24
CA LEU A 306 14.03 7.35 -17.84
C LEU A 306 13.29 8.18 -16.81
N ILE A 307 13.94 8.45 -15.68
CA ILE A 307 13.32 9.12 -14.54
C ILE A 307 14.02 10.46 -14.25
N PRO A 308 13.41 11.59 -14.68
CA PRO A 308 13.90 12.90 -14.25
C PRO A 308 13.40 13.27 -12.85
N CYS A 309 14.30 13.77 -12.01
CA CYS A 309 13.96 14.20 -10.66
C CYS A 309 15.07 15.08 -10.10
N ALA A 310 14.81 15.72 -8.95
CA ALA A 310 15.90 16.27 -8.14
C ALA A 310 16.54 15.10 -7.42
N ILE A 311 17.83 15.26 -7.08
CA ILE A 311 18.63 14.15 -6.55
C ILE A 311 18.15 13.56 -5.21
N ASP A 312 17.31 14.30 -4.46
CA ASP A 312 16.69 13.78 -3.23
C ASP A 312 15.82 12.52 -3.40
N GLN A 313 15.29 12.30 -4.62
CA GLN A 313 14.50 11.09 -4.92
C GLN A 313 15.33 9.85 -5.28
N ASP A 314 16.64 10.01 -5.45
CA ASP A 314 17.53 8.92 -5.89
C ASP A 314 17.49 7.65 -5.03
N PRO A 315 17.42 7.78 -3.68
CA PRO A 315 17.29 6.58 -2.84
C PRO A 315 16.17 5.59 -3.22
N TYR A 316 15.02 6.11 -3.69
CA TYR A 316 13.95 5.26 -4.22
C TYR A 316 14.38 4.42 -5.42
N PHE A 317 15.17 5.04 -6.31
CA PHE A 317 15.52 4.43 -7.59
C PHE A 317 16.86 3.69 -7.60
N ARG A 318 17.74 4.01 -6.66
CA ARG A 318 18.86 3.11 -6.32
C ARG A 318 18.30 1.75 -5.91
N MET A 319 17.30 1.77 -5.03
CA MET A 319 16.58 0.57 -4.59
C MET A 319 15.89 -0.14 -5.77
N THR A 320 15.16 0.63 -6.58
CA THR A 320 14.47 0.09 -7.75
C THR A 320 15.42 -0.61 -8.73
N ARG A 321 16.55 0.02 -8.99
CA ARG A 321 17.57 -0.54 -9.89
C ARG A 321 18.18 -1.87 -9.38
N ASP A 322 18.37 -1.97 -8.07
CA ASP A 322 18.82 -3.23 -7.44
C ASP A 322 17.78 -4.34 -7.57
N VAL A 323 16.50 -4.00 -7.39
CA VAL A 323 15.40 -4.96 -7.48
C VAL A 323 15.13 -5.40 -8.93
N ALA A 324 15.21 -4.45 -9.87
CA ALA A 324 14.81 -4.68 -11.27
C ALA A 324 15.22 -6.04 -11.89
N PRO A 325 16.54 -6.38 -11.91
CA PRO A 325 16.95 -7.66 -12.51
C PRO A 325 16.50 -8.92 -11.75
N ARG A 326 16.23 -8.79 -10.44
CA ARG A 326 15.71 -9.92 -9.64
C ARG A 326 14.28 -10.31 -10.02
N ILE A 327 13.54 -9.39 -10.65
CA ILE A 327 12.18 -9.66 -11.14
C ILE A 327 12.08 -9.60 -12.67
N GLY A 328 13.22 -9.75 -13.35
CA GLY A 328 13.27 -9.86 -14.81
C GLY A 328 12.98 -8.61 -15.62
N TYR A 329 13.18 -7.43 -15.02
CA TYR A 329 12.93 -6.16 -15.71
C TYR A 329 14.21 -5.36 -15.89
N PRO A 330 14.26 -4.48 -16.91
CA PRO A 330 15.40 -3.58 -17.05
C PRO A 330 15.42 -2.51 -15.95
N LYS A 331 16.61 -2.01 -15.65
CA LYS A 331 16.80 -0.96 -14.66
C LYS A 331 16.37 0.38 -15.27
N PRO A 332 15.65 1.22 -14.51
CA PRO A 332 15.34 2.55 -15.01
C PRO A 332 16.56 3.47 -14.99
N ALA A 333 16.66 4.34 -15.99
CA ALA A 333 17.70 5.38 -16.04
C ALA A 333 17.26 6.59 -15.24
N LEU A 334 18.23 7.39 -14.80
CA LEU A 334 17.99 8.58 -13.98
C LEU A 334 18.64 9.83 -14.59
N LEU A 335 17.97 10.97 -14.42
CA LEU A 335 18.58 12.29 -14.60
C LEU A 335 18.28 13.10 -13.34
N HIS A 336 19.34 13.57 -12.68
CA HIS A 336 19.24 14.24 -11.39
C HIS A 336 19.49 15.74 -11.51
N SER A 337 18.62 16.54 -10.89
CA SER A 337 18.79 17.99 -10.80
C SER A 337 19.32 18.44 -9.44
N THR A 338 19.87 19.65 -9.42
CA THR A 338 20.21 20.36 -8.19
C THR A 338 18.92 20.92 -7.57
N PHE A 339 19.05 21.46 -6.37
CA PHE A 339 17.90 22.02 -5.64
C PHE A 339 17.78 23.52 -5.89
N PHE A 340 16.55 23.96 -6.14
CA PHE A 340 16.20 25.37 -6.15
C PHE A 340 16.24 25.80 -4.67
N PRO A 341 17.16 26.69 -4.30
CA PRO A 341 17.35 26.98 -2.88
C PRO A 341 16.22 27.79 -2.26
N ALA A 342 16.11 27.72 -0.93
CA ALA A 342 15.16 28.53 -0.19
C ALA A 342 15.55 30.01 -0.28
N LEU A 343 14.57 30.90 -0.14
CA LEU A 343 14.80 32.35 -0.13
C LEU A 343 15.84 32.79 0.90
N GLN A 344 15.84 32.14 2.07
CA GLN A 344 16.73 32.52 3.19
C GLN A 344 18.20 32.17 2.93
N GLY A 345 18.46 31.22 2.02
CA GLY A 345 19.82 30.84 1.66
C GLY A 345 19.89 29.45 1.06
N ALA A 346 21.07 29.10 0.53
CA ALA A 346 21.31 27.78 -0.06
C ALA A 346 21.55 26.66 0.97
N GLN A 347 21.47 26.97 2.27
CA GLN A 347 21.54 25.97 3.33
C GLN A 347 20.44 24.91 3.23
N THR A 348 19.27 25.31 2.74
CA THR A 348 18.14 24.40 2.53
C THR A 348 17.53 24.60 1.14
N LYS A 349 16.76 23.60 0.71
CA LYS A 349 16.00 23.69 -0.54
C LYS A 349 14.71 24.48 -0.30
N MET A 350 14.16 25.02 -1.39
CA MET A 350 12.81 25.61 -1.35
C MET A 350 11.80 24.54 -0.94
N SER A 351 10.99 24.85 0.08
CA SER A 351 10.05 23.89 0.66
C SER A 351 8.81 24.62 1.18
N ALA A 352 7.64 24.10 0.81
CA ALA A 352 6.36 24.65 1.25
C ALA A 352 6.20 24.64 2.77
N SER A 353 6.75 23.62 3.42
CA SER A 353 6.62 23.47 4.88
C SER A 353 7.49 24.42 5.73
N ASP A 354 8.38 25.20 5.11
CA ASP A 354 9.23 26.18 5.82
C ASP A 354 8.74 27.62 5.62
N PRO A 355 8.59 28.40 6.72
CA PRO A 355 8.16 29.80 6.63
C PRO A 355 9.03 30.72 5.76
N ASN A 356 8.41 31.42 4.82
CA ASN A 356 9.06 32.38 3.92
C ASN A 356 10.13 31.78 3.00
N SER A 357 10.01 30.49 2.73
CA SER A 357 11.00 29.76 1.93
C SER A 357 10.67 29.79 0.43
N SER A 358 9.38 29.76 0.11
CA SER A 358 8.93 29.49 -1.26
C SER A 358 8.33 30.70 -1.97
N ILE A 359 8.52 30.72 -3.29
CA ILE A 359 7.73 31.53 -4.21
C ILE A 359 6.78 30.54 -4.86
N PHE A 360 5.48 30.68 -4.58
CA PHE A 360 4.47 29.77 -5.11
C PHE A 360 3.99 30.16 -6.50
N LEU A 361 3.45 29.18 -7.21
CA LEU A 361 2.89 29.40 -8.54
C LEU A 361 1.53 30.13 -8.50
N THR A 362 0.95 30.26 -7.31
CA THR A 362 -0.24 31.08 -7.07
C THR A 362 0.05 32.52 -6.62
N ASP A 363 1.33 32.89 -6.47
CA ASP A 363 1.70 34.25 -6.02
C ASP A 363 1.42 35.30 -7.10
N THR A 364 0.97 36.48 -6.65
CA THR A 364 0.73 37.63 -7.53
C THR A 364 2.06 38.33 -7.83
N ALA A 365 2.01 39.27 -8.78
CA ALA A 365 3.19 40.07 -9.15
C ALA A 365 3.75 40.85 -7.95
N LYS A 366 2.85 41.43 -7.16
CA LYS A 366 3.20 42.10 -5.89
C LYS A 366 3.94 41.18 -4.92
N GLN A 367 3.38 40.00 -4.69
CA GLN A 367 3.94 39.02 -3.74
C GLN A 367 5.30 38.47 -4.19
N ILE A 368 5.49 38.31 -5.50
CA ILE A 368 6.77 37.87 -6.07
C ILE A 368 7.83 38.95 -5.82
N LYS A 369 7.51 40.19 -6.17
CA LYS A 369 8.37 41.36 -5.89
C LYS A 369 8.73 41.46 -4.40
N THR A 370 7.72 41.37 -3.55
CA THR A 370 7.89 41.47 -2.09
C THR A 370 8.82 40.39 -1.53
N LYS A 371 8.61 39.14 -1.94
CA LYS A 371 9.42 38.01 -1.46
C LYS A 371 10.90 38.12 -1.87
N VAL A 372 11.15 38.54 -3.10
CA VAL A 372 12.53 38.71 -3.60
C VAL A 372 13.25 39.84 -2.84
N ASN A 373 12.60 40.99 -2.72
CA ASN A 373 13.18 42.14 -2.03
C ASN A 373 13.34 41.94 -0.52
N LYS A 374 12.32 41.39 0.12
CA LYS A 374 12.33 41.23 1.57
C LYS A 374 13.13 40.00 2.04
N HIS A 375 12.95 38.86 1.37
CA HIS A 375 13.43 37.57 1.89
C HIS A 375 14.61 36.91 1.17
N ALA A 376 14.81 37.20 -0.12
CA ALA A 376 15.91 36.58 -0.88
C ALA A 376 17.27 37.05 -0.34
N PHE A 377 18.05 36.10 0.19
CA PHE A 377 19.34 36.41 0.84
C PHE A 377 20.34 37.01 -0.14
N SER A 378 21.00 38.08 0.31
CA SER A 378 21.97 38.81 -0.51
C SER A 378 23.40 38.40 -0.17
N GLY A 379 24.18 38.18 -1.21
CA GLY A 379 25.63 38.03 -1.10
C GLY A 379 26.37 39.36 -1.26
N GLY A 380 25.63 40.44 -1.51
CA GLY A 380 26.20 41.78 -1.55
C GLY A 380 26.54 42.31 -0.17
N ARG A 381 27.41 43.31 -0.12
CA ARG A 381 27.81 43.95 1.13
C ARG A 381 26.68 44.77 1.75
N ASP A 382 26.84 45.08 3.03
CA ASP A 382 25.77 45.69 3.85
C ASP A 382 25.35 47.09 3.40
N THR A 383 26.34 47.92 3.01
CA THR A 383 26.07 49.25 2.45
C THR A 383 26.38 49.29 0.95
N ILE A 384 25.80 50.28 0.26
CA ILE A 384 25.99 50.45 -1.18
C ILE A 384 27.44 50.85 -1.51
N GLU A 385 28.01 51.75 -0.71
CA GLU A 385 29.41 52.17 -0.88
C GLU A 385 30.42 51.03 -0.68
N GLU A 386 30.16 50.15 0.29
CA GLU A 386 30.96 48.92 0.45
C GLU A 386 30.80 48.00 -0.77
N HIS A 387 29.57 47.91 -1.30
CA HIS A 387 29.30 47.10 -2.48
C HIS A 387 30.06 47.57 -3.72
N ARG A 388 30.18 48.89 -3.89
CA ARG A 388 30.99 49.46 -4.98
C ARG A 388 32.47 49.09 -4.86
N GLN A 389 32.99 49.11 -3.63
CA GLN A 389 34.40 48.84 -3.37
C GLN A 389 34.75 47.35 -3.52
N PHE A 390 34.03 46.51 -2.80
CA PHE A 390 34.36 45.07 -2.68
C PHE A 390 33.54 44.14 -3.57
N GLY A 391 32.28 44.50 -3.83
CA GLY A 391 31.41 43.74 -4.73
C GLY A 391 30.61 42.64 -4.06
N GLY A 392 29.82 41.94 -4.87
CA GLY A 392 28.95 40.86 -4.39
C GLY A 392 29.55 39.48 -4.53
N ASN A 393 28.96 38.51 -3.83
CA ASN A 393 29.36 37.12 -3.88
C ASN A 393 28.23 36.29 -4.50
N CYS A 394 28.40 35.94 -5.77
CA CYS A 394 27.39 35.16 -6.52
C CYS A 394 27.25 33.71 -6.04
N ASP A 395 28.29 33.17 -5.40
CA ASP A 395 28.25 31.81 -4.86
C ASP A 395 27.29 31.64 -3.68
N VAL A 396 26.94 32.73 -2.99
CA VAL A 396 25.95 32.69 -1.89
C VAL A 396 24.66 33.50 -2.14
N ASP A 397 24.62 34.31 -3.20
CA ASP A 397 23.47 35.18 -3.47
C ASP A 397 22.30 34.36 -4.05
N VAL A 398 21.18 34.36 -3.34
CA VAL A 398 20.00 33.57 -3.74
C VAL A 398 19.35 34.12 -5.02
N SER A 399 19.32 35.44 -5.17
CA SER A 399 18.73 36.05 -6.35
C SER A 399 19.48 35.67 -7.64
N PHE A 400 20.81 35.68 -7.59
CA PHE A 400 21.61 35.21 -8.71
C PHE A 400 21.43 33.71 -8.97
N MET A 401 21.37 32.92 -7.90
CA MET A 401 21.09 31.48 -8.03
C MET A 401 19.79 31.23 -8.80
N TYR A 402 18.73 31.98 -8.48
CA TYR A 402 17.45 31.86 -9.19
C TYR A 402 17.56 32.23 -10.67
N LEU A 403 18.39 33.23 -10.98
CA LEU A 403 18.66 33.61 -12.38
C LEU A 403 19.35 32.50 -13.17
N THR A 404 20.23 31.72 -12.53
CA THR A 404 20.87 30.58 -13.21
C THR A 404 19.84 29.54 -13.68
N PHE A 405 18.76 29.40 -12.92
CA PHE A 405 17.66 28.50 -13.30
C PHE A 405 16.75 29.07 -14.40
N PHE A 406 16.43 30.36 -14.35
CA PHE A 406 15.35 30.92 -15.20
C PHE A 406 15.68 32.04 -16.20
N LEU A 407 16.84 32.69 -16.10
CA LEU A 407 17.28 33.63 -17.14
C LEU A 407 17.76 32.80 -18.33
N GLU A 408 17.15 32.98 -19.50
CA GLU A 408 17.42 32.10 -20.64
C GLU A 408 18.79 32.36 -21.30
N ASP A 409 19.16 33.63 -21.45
CA ASP A 409 20.38 34.00 -22.18
C ASP A 409 21.64 33.79 -21.33
N ASP A 410 22.53 32.91 -21.81
CA ASP A 410 23.79 32.59 -21.11
C ASP A 410 24.74 33.79 -20.98
N ASP A 411 24.83 34.60 -22.03
CA ASP A 411 25.71 35.78 -22.04
C ASP A 411 25.27 36.86 -21.06
N LYS A 412 23.96 37.07 -20.94
CA LYS A 412 23.40 38.02 -19.98
C LYS A 412 23.64 37.57 -18.53
N LEU A 413 23.50 36.27 -18.28
CA LEU A 413 23.77 35.70 -16.95
C LEU A 413 25.21 35.94 -16.52
N GLU A 414 26.15 35.66 -17.43
CA GLU A 414 27.58 35.88 -17.18
C GLU A 414 27.91 37.36 -16.95
N GLN A 415 27.29 38.24 -17.76
CA GLN A 415 27.42 39.69 -17.60
C GLN A 415 26.94 40.16 -16.21
N ILE A 416 25.78 39.64 -15.78
CA ILE A 416 25.24 39.92 -14.45
C ILE A 416 26.17 39.40 -13.35
N ARG A 417 26.73 38.21 -13.55
CA ARG A 417 27.68 37.62 -12.60
C ARG A 417 28.92 38.51 -12.42
N LYS A 418 29.52 38.91 -13.54
CA LYS A 418 30.71 39.78 -13.52
C LYS A 418 30.43 41.15 -12.89
N ASP A 419 29.34 41.78 -13.31
CA ASP A 419 28.98 43.13 -12.81
C ASP A 419 28.60 43.14 -11.33
N TYR A 420 27.86 42.11 -10.88
CA TYR A 420 27.53 41.97 -9.46
C TYR A 420 28.77 41.68 -8.63
N THR A 421 29.66 40.84 -9.15
CA THR A 421 30.92 40.50 -8.48
C THR A 421 31.88 41.69 -8.36
N SER A 422 31.95 42.52 -9.40
CA SER A 422 32.81 43.70 -9.41
C SER A 422 32.27 44.86 -8.55
N GLY A 423 30.94 44.91 -8.41
CA GLY A 423 30.27 46.00 -7.70
C GLY A 423 29.55 47.00 -8.60
N ALA A 424 29.72 46.85 -9.91
CA ALA A 424 29.04 47.71 -10.89
C ALA A 424 27.52 47.60 -10.84
N MET A 425 27.01 46.41 -10.49
CA MET A 425 25.58 46.17 -10.29
C MET A 425 25.28 46.01 -8.81
N LEU A 426 24.31 46.77 -8.31
CA LEU A 426 23.88 46.69 -6.90
C LEU A 426 22.86 45.57 -6.69
N THR A 427 22.60 45.25 -5.42
CA THR A 427 21.63 44.23 -5.03
C THR A 427 20.22 44.56 -5.52
N GLY A 428 19.82 45.83 -5.37
CA GLY A 428 18.54 46.32 -5.89
C GLY A 428 18.35 46.07 -7.38
N GLU A 429 19.40 46.31 -8.16
CA GLU A 429 19.38 46.06 -9.61
C GLU A 429 19.27 44.58 -9.94
N LEU A 430 20.08 43.76 -9.28
CA LEU A 430 20.05 42.29 -9.44
C LEU A 430 18.66 41.71 -9.16
N LYS A 431 18.04 42.19 -8.08
CA LYS A 431 16.69 41.75 -7.70
C LYS A 431 15.61 42.22 -8.67
N LYS A 432 15.73 43.44 -9.19
CA LYS A 432 14.83 43.93 -10.25
C LYS A 432 14.86 43.02 -11.49
N ALA A 433 16.07 42.63 -11.91
CA ALA A 433 16.24 41.73 -13.04
C ALA A 433 15.54 40.38 -12.82
N LEU A 434 15.73 39.81 -11.62
CA LEU A 434 15.09 38.55 -11.25
C LEU A 434 13.57 38.65 -11.23
N ILE A 435 13.04 39.73 -10.65
CA ILE A 435 11.59 39.95 -10.56
C ILE A 435 10.97 40.03 -11.97
N GLU A 436 11.68 40.66 -12.91
CA GLU A 436 11.24 40.73 -14.30
C GLU A 436 11.25 39.38 -15.05
N VAL A 437 12.01 38.40 -14.53
CA VAL A 437 11.98 37.02 -15.04
C VAL A 437 10.87 36.20 -14.35
N LEU A 438 10.81 36.26 -13.02
CA LEU A 438 9.84 35.44 -12.26
C LEU A 438 8.38 35.85 -12.45
N GLN A 439 8.12 37.15 -12.65
CA GLN A 439 6.74 37.63 -12.82
C GLN A 439 6.03 37.08 -14.08
N PRO A 440 6.66 37.20 -15.27
CA PRO A 440 6.04 36.57 -16.45
C PRO A 440 6.03 35.03 -16.42
N LEU A 441 7.06 34.42 -15.83
CA LEU A 441 7.09 32.95 -15.65
C LEU A 441 5.84 32.47 -14.90
N ILE A 442 5.61 33.03 -13.72
CA ILE A 442 4.48 32.64 -12.87
C ILE A 442 3.14 33.09 -13.47
N ALA A 443 3.09 34.29 -14.05
CA ALA A 443 1.86 34.81 -14.68
C ALA A 443 1.40 33.98 -15.87
N GLU A 444 2.35 33.60 -16.74
CA GLU A 444 2.06 32.75 -17.90
C GLU A 444 1.60 31.35 -17.47
N HIS A 445 2.21 30.81 -16.42
CA HIS A 445 1.78 29.54 -15.82
C HIS A 445 0.33 29.61 -15.31
N GLN A 446 0.01 30.70 -14.60
CA GLN A 446 -1.35 30.93 -14.10
C GLN A 446 -2.38 31.05 -15.24
N ALA A 447 -1.99 31.74 -16.30
CA ALA A 447 -2.83 31.87 -17.51
C ALA A 447 -3.11 30.50 -18.14
N ARG A 448 -2.07 29.67 -18.25
CA ARG A 448 -2.25 28.30 -18.75
C ARG A 448 -3.06 27.42 -17.78
N ARG A 449 -2.86 27.59 -16.48
CA ARG A 449 -3.58 26.81 -15.46
C ARG A 449 -5.09 27.06 -15.48
N LYS A 450 -5.49 28.30 -15.77
CA LYS A 450 -6.90 28.67 -15.85
C LYS A 450 -7.63 27.98 -17.02
N GLU A 451 -6.91 27.69 -18.09
CA GLU A 451 -7.45 26.96 -19.26
C GLU A 451 -7.67 25.46 -19.00
N VAL A 452 -7.03 24.91 -17.96
CA VAL A 452 -7.15 23.50 -17.62
C VAL A 452 -8.52 23.25 -16.95
N THR A 453 -9.47 22.74 -17.74
CA THR A 453 -10.82 22.45 -17.27
C THR A 453 -10.88 21.11 -16.55
N ASP A 454 -12.00 20.85 -15.89
CA ASP A 454 -12.26 19.55 -15.25
C ASP A 454 -12.23 18.40 -16.26
N GLU A 455 -12.74 18.65 -17.46
CA GLU A 455 -12.75 17.67 -18.55
C GLU A 455 -11.33 17.29 -19.00
N ILE A 456 -10.43 18.27 -19.06
CA ILE A 456 -9.04 18.03 -19.47
C ILE A 456 -8.26 17.24 -18.40
N VAL A 457 -8.42 17.59 -17.13
CA VAL A 457 -7.72 16.89 -16.03
C VAL A 457 -8.16 15.43 -15.97
N LYS A 458 -9.47 15.20 -16.09
CA LYS A 458 -10.02 13.84 -16.13
C LYS A 458 -9.41 13.01 -17.26
N GLU A 459 -9.29 13.62 -18.45
CA GLU A 459 -8.74 12.93 -19.62
C GLU A 459 -7.26 12.56 -19.42
N PHE A 460 -6.47 13.53 -18.96
CA PHE A 460 -5.07 13.26 -18.55
C PHE A 460 -4.97 12.10 -17.54
N MET A 461 -5.92 12.06 -16.60
CA MET A 461 -5.93 11.07 -15.52
C MET A 461 -6.70 9.76 -15.81
N THR A 462 -7.29 9.64 -17.00
CA THR A 462 -7.98 8.42 -17.39
C THR A 462 -6.97 7.43 -17.99
N PRO A 463 -6.90 6.19 -17.46
CA PRO A 463 -6.08 5.16 -18.09
C PRO A 463 -6.52 4.91 -19.53
N ARG A 464 -5.56 5.00 -20.47
CA ARG A 464 -5.88 4.96 -21.90
C ARG A 464 -4.64 4.68 -22.73
N LYS A 465 -4.86 4.32 -23.99
CA LYS A 465 -3.78 4.16 -24.96
C LYS A 465 -3.33 5.54 -25.43
N LEU A 466 -2.03 5.82 -25.32
CA LEU A 466 -1.45 7.07 -25.80
C LEU A 466 -1.15 6.95 -27.30
N SER A 467 -0.73 8.05 -27.92
CA SER A 467 -0.44 8.06 -29.37
C SER A 467 0.94 7.50 -29.70
N PHE A 468 1.15 6.23 -29.38
CA PHE A 468 2.39 5.49 -29.67
C PHE A 468 2.04 4.01 -29.82
N ASP A 469 2.60 3.36 -30.85
CA ASP A 469 2.36 1.95 -31.13
C ASP A 469 3.59 1.12 -30.72
N PHE A 470 3.35 0.02 -30.02
CA PHE A 470 4.42 -0.86 -29.51
C PHE A 470 4.14 -2.31 -29.86
N ASP B 83 -0.24 -25.11 23.16
CA ASP B 83 0.79 -24.23 23.80
C ASP B 83 1.30 -23.14 22.84
N PHE B 84 1.55 -23.50 21.58
CA PHE B 84 1.87 -22.50 20.55
C PHE B 84 0.90 -22.60 19.38
N VAL B 85 0.18 -21.51 19.11
CA VAL B 85 -0.77 -21.42 18.01
C VAL B 85 -0.63 -20.07 17.32
N ASP B 86 -0.29 -20.09 16.04
CA ASP B 86 -0.30 -18.90 15.19
C ASP B 86 -0.62 -19.35 13.75
N PRO B 87 -0.69 -18.42 12.78
CA PRO B 87 -1.04 -18.83 11.40
C PRO B 87 -0.08 -19.82 10.71
N TRP B 88 1.17 -19.91 11.16
CA TRP B 88 2.19 -20.76 10.51
C TRP B 88 2.57 -22.04 11.27
N THR B 89 2.11 -22.19 12.51
CA THR B 89 2.40 -23.40 13.28
C THR B 89 1.40 -23.65 14.43
N VAL B 90 1.06 -24.92 14.63
CA VAL B 90 0.27 -25.39 15.76
C VAL B 90 1.05 -26.55 16.39
N GLN B 91 1.54 -26.34 17.61
CA GLN B 91 2.43 -27.30 18.29
C GLN B 91 2.09 -27.43 19.77
N THR B 92 2.18 -28.65 20.28
CA THR B 92 2.04 -28.92 21.72
C THR B 92 2.67 -30.26 22.09
N SER B 93 3.20 -30.34 23.30
CA SER B 93 3.78 -31.59 23.83
C SER B 93 2.71 -32.62 24.20
N SER B 94 1.48 -32.16 24.47
CA SER B 94 0.39 -33.04 24.88
C SER B 94 -0.15 -33.91 23.73
N ALA B 95 -0.35 -35.19 24.01
CA ALA B 95 -0.99 -36.12 23.08
C ALA B 95 -2.52 -35.90 22.99
N LYS B 96 -3.08 -35.20 23.98
CA LYS B 96 -4.49 -34.78 23.93
C LYS B 96 -4.76 -33.61 22.97
N GLY B 97 -3.70 -32.98 22.46
CA GLY B 97 -3.83 -31.86 21.53
C GLY B 97 -3.84 -30.53 22.26
N ILE B 98 -4.31 -29.50 21.57
CA ILE B 98 -4.31 -28.13 22.10
C ILE B 98 -5.32 -28.01 23.23
N ASP B 99 -4.91 -27.43 24.36
CA ASP B 99 -5.83 -27.08 25.44
C ASP B 99 -6.63 -25.86 24.99
N TYR B 100 -7.80 -26.12 24.42
CA TYR B 100 -8.62 -25.08 23.79
C TYR B 100 -9.24 -24.10 24.80
N ASP B 101 -9.50 -24.56 26.02
CA ASP B 101 -10.01 -23.69 27.09
C ASP B 101 -8.95 -22.68 27.53
N LYS B 102 -7.72 -23.13 27.73
CA LYS B 102 -6.59 -22.22 28.04
C LYS B 102 -6.28 -21.26 26.89
N LEU B 103 -6.45 -21.72 25.66
CA LEU B 103 -6.24 -20.89 24.47
C LEU B 103 -7.22 -19.71 24.39
N ILE B 104 -8.48 -19.97 24.72
CA ILE B 104 -9.51 -18.92 24.80
C ILE B 104 -9.09 -17.81 25.77
N VAL B 105 -8.54 -18.21 26.91
CA VAL B 105 -8.10 -17.27 27.95
C VAL B 105 -6.90 -16.44 27.47
N ARG B 106 -5.93 -17.10 26.85
CA ARG B 106 -4.72 -16.42 26.36
C ARG B 106 -5.01 -15.46 25.20
N PHE B 107 -5.81 -15.92 24.23
CA PHE B 107 -6.21 -15.08 23.07
C PHE B 107 -7.25 -14.02 23.44
N GLY B 108 -7.99 -14.23 24.53
CA GLY B 108 -9.00 -13.29 24.99
C GLY B 108 -10.33 -13.39 24.26
N SER B 109 -10.62 -14.55 23.69
CA SER B 109 -11.89 -14.79 22.98
C SER B 109 -12.95 -15.25 23.98
N SER B 110 -14.14 -15.60 23.48
CA SER B 110 -15.25 -16.05 24.33
C SER B 110 -15.62 -17.50 24.03
N LYS B 111 -15.93 -18.26 25.09
CA LYS B 111 -16.35 -19.66 24.95
C LYS B 111 -17.79 -19.71 24.45
N ILE B 112 -18.03 -20.55 23.43
CA ILE B 112 -19.40 -20.81 22.97
C ILE B 112 -20.07 -21.74 23.98
N ASP B 113 -21.15 -21.26 24.61
CA ASP B 113 -21.93 -22.04 25.57
C ASP B 113 -23.27 -22.45 24.94
N LYS B 114 -24.03 -23.29 25.66
CA LYS B 114 -25.30 -23.81 25.15
C LYS B 114 -26.34 -22.70 24.92
N GLU B 115 -26.34 -21.67 25.76
CA GLU B 115 -27.23 -20.52 25.59
C GLU B 115 -27.02 -19.82 24.24
N LEU B 116 -25.77 -19.65 23.84
CA LEU B 116 -25.45 -19.07 22.53
C LEU B 116 -25.88 -20.00 21.38
N ILE B 117 -25.68 -21.30 21.55
CA ILE B 117 -26.11 -22.29 20.55
C ILE B 117 -27.63 -22.30 20.41
N ASN B 118 -28.35 -22.24 21.54
CA ASN B 118 -29.81 -22.11 21.54
C ASN B 118 -30.30 -20.83 20.85
N ARG B 119 -29.58 -19.73 21.04
CA ARG B 119 -29.93 -18.46 20.40
C ARG B 119 -29.77 -18.51 18.88
N ILE B 120 -28.73 -19.22 18.42
CA ILE B 120 -28.53 -19.48 16.99
C ILE B 120 -29.67 -20.34 16.43
N GLU B 121 -30.11 -21.34 17.20
CA GLU B 121 -31.23 -22.20 16.81
C GLU B 121 -32.55 -21.40 16.68
N ARG B 122 -32.84 -20.55 17.66
CA ARG B 122 -34.04 -19.71 17.63
C ARG B 122 -34.02 -18.67 16.51
N ALA B 123 -32.84 -18.09 16.28
CA ALA B 123 -32.66 -17.10 15.21
C ALA B 123 -32.85 -17.70 13.81
N THR B 124 -32.33 -18.91 13.61
CA THR B 124 -32.37 -19.58 12.30
C THR B 124 -33.62 -20.45 12.09
N GLY B 125 -34.13 -21.04 13.18
CA GLY B 125 -35.20 -22.03 13.10
C GLY B 125 -34.73 -23.36 12.54
N GLN B 126 -33.44 -23.67 12.73
CA GLN B 126 -32.82 -24.89 12.22
C GLN B 126 -31.98 -25.52 13.33
N ARG B 127 -31.81 -26.84 13.25
CA ARG B 127 -30.99 -27.56 14.22
C ARG B 127 -29.53 -27.10 14.09
N PRO B 128 -28.87 -26.75 15.22
CA PRO B 128 -27.49 -26.27 15.10
C PRO B 128 -26.54 -27.32 14.51
N HIS B 129 -25.54 -26.85 13.77
CA HIS B 129 -24.61 -27.72 13.04
C HIS B 129 -23.83 -28.59 14.02
N ARG B 130 -23.50 -29.81 13.60
CA ARG B 130 -22.78 -30.76 14.47
C ARG B 130 -21.45 -30.22 15.04
N PHE B 131 -20.80 -29.33 14.28
CA PHE B 131 -19.59 -28.63 14.78
C PHE B 131 -19.88 -27.78 16.02
N LEU B 132 -21.03 -27.09 16.04
CA LEU B 132 -21.47 -26.35 17.22
C LEU B 132 -21.89 -27.29 18.35
N ARG B 133 -22.69 -28.30 18.01
CA ARG B 133 -23.19 -29.27 19.01
C ARG B 133 -22.07 -30.01 19.75
N ARG B 134 -20.99 -30.32 19.04
CA ARG B 134 -19.88 -31.12 19.58
C ARG B 134 -18.66 -30.30 20.04
N GLY B 135 -18.78 -28.97 20.02
CA GLY B 135 -17.68 -28.10 20.46
C GLY B 135 -16.47 -28.06 19.54
N ILE B 136 -16.70 -28.23 18.23
CA ILE B 136 -15.65 -28.10 17.22
C ILE B 136 -15.47 -26.61 16.92
N PHE B 137 -16.55 -25.96 16.50
CA PHE B 137 -16.62 -24.49 16.52
C PHE B 137 -16.97 -24.11 17.95
N PHE B 138 -15.95 -23.66 18.68
CA PHE B 138 -15.95 -23.63 20.15
C PHE B 138 -15.78 -22.23 20.76
N SER B 139 -15.26 -21.27 19.99
CA SER B 139 -14.93 -19.94 20.49
C SER B 139 -15.46 -18.87 19.54
N HIS B 140 -15.69 -17.67 20.07
CA HIS B 140 -16.24 -16.57 19.29
C HIS B 140 -15.75 -15.20 19.79
N ARG B 141 -15.99 -14.19 18.97
CA ARG B 141 -15.91 -12.79 19.38
C ARG B 141 -17.13 -12.07 18.81
N ASP B 142 -17.93 -11.44 19.68
CA ASP B 142 -19.09 -10.61 19.29
C ASP B 142 -20.20 -11.33 18.48
N MET B 143 -20.36 -12.63 18.70
CA MET B 143 -21.43 -13.39 18.05
C MET B 143 -22.82 -12.96 18.55
N ASN B 144 -22.91 -12.53 19.80
CA ASN B 144 -24.15 -11.93 20.31
C ASN B 144 -24.53 -10.64 19.60
N GLN B 145 -23.52 -9.82 19.27
CA GLN B 145 -23.75 -8.60 18.46
C GLN B 145 -24.23 -8.91 17.04
N VAL B 146 -23.72 -10.01 16.46
CA VAL B 146 -24.19 -10.48 15.16
C VAL B 146 -25.67 -10.87 15.26
N LEU B 147 -26.00 -11.66 16.28
CA LEU B 147 -27.37 -12.10 16.50
C LEU B 147 -28.32 -10.96 16.90
N ASP B 148 -27.81 -9.98 17.67
CA ASP B 148 -28.57 -8.75 17.96
C ASP B 148 -28.99 -8.06 16.67
N ALA B 149 -28.02 -7.87 15.77
CA ALA B 149 -28.27 -7.26 14.46
C ALA B 149 -29.21 -8.08 13.59
N TYR B 150 -28.96 -9.39 13.52
CA TYR B 150 -29.76 -10.31 12.72
C TYR B 150 -31.22 -10.39 13.19
N GLU B 151 -31.41 -10.50 14.51
CA GLU B 151 -32.76 -10.53 15.10
C GLU B 151 -33.52 -9.21 14.90
N ASN B 152 -32.80 -8.09 14.85
CA ASN B 152 -33.39 -6.78 14.51
C ASN B 152 -33.43 -6.48 13.00
N LYS B 153 -33.35 -7.52 12.16
CA LYS B 153 -33.46 -7.42 10.71
C LYS B 153 -32.41 -6.50 10.06
N LYS B 154 -31.22 -6.45 10.67
CA LYS B 154 -30.10 -5.69 10.13
C LYS B 154 -29.23 -6.66 9.32
N PRO B 155 -28.54 -6.16 8.29
CA PRO B 155 -27.74 -7.06 7.46
C PRO B 155 -26.40 -7.42 8.12
N PHE B 156 -25.95 -8.65 7.89
CA PHE B 156 -24.55 -9.02 8.09
C PHE B 156 -24.05 -9.89 6.94
N TYR B 157 -22.73 -9.97 6.80
CA TYR B 157 -22.12 -10.81 5.77
C TYR B 157 -20.99 -11.66 6.33
N LEU B 158 -20.72 -12.76 5.63
CA LEU B 158 -19.68 -13.70 6.01
C LEU B 158 -18.40 -13.39 5.25
N TYR B 159 -17.26 -13.61 5.91
CA TYR B 159 -15.95 -13.48 5.28
C TYR B 159 -15.05 -14.61 5.79
N THR B 160 -14.50 -15.39 4.87
CA THR B 160 -13.47 -16.38 5.18
C THR B 160 -12.43 -16.37 4.05
N GLY B 161 -11.43 -17.25 4.12
CA GLY B 161 -10.38 -17.26 3.10
C GLY B 161 -9.52 -18.50 3.03
N ARG B 162 -8.61 -18.49 2.07
CA ARG B 162 -7.73 -19.62 1.77
C ARG B 162 -6.41 -19.09 1.20
N GLY B 163 -5.30 -19.55 1.76
CA GLY B 163 -3.97 -19.29 1.22
C GLY B 163 -3.58 -20.39 0.26
N PRO B 164 -3.61 -20.11 -1.06
CA PRO B 164 -3.39 -21.17 -2.04
C PRO B 164 -1.91 -21.49 -2.21
N SER B 165 -1.39 -22.31 -1.31
CA SER B 165 0.01 -22.75 -1.34
C SER B 165 0.26 -23.77 -2.45
N SER B 166 -0.72 -24.63 -2.70
CA SER B 166 -0.67 -25.59 -3.80
C SER B 166 -2.10 -26.10 -4.06
N GLU B 167 -2.24 -26.97 -5.06
CA GLU B 167 -3.54 -27.56 -5.37
C GLU B 167 -3.91 -28.62 -4.34
N ALA B 168 -2.98 -28.89 -3.42
CA ALA B 168 -3.13 -29.99 -2.47
C ALA B 168 -3.83 -29.55 -1.19
N MET B 169 -5.16 -29.52 -1.23
CA MET B 169 -5.97 -29.30 -0.03
C MET B 169 -6.32 -30.63 0.62
N HIS B 170 -6.74 -30.59 1.89
CA HIS B 170 -7.03 -31.78 2.69
C HIS B 170 -8.34 -31.61 3.47
N VAL B 171 -8.82 -32.67 4.12
CA VAL B 171 -10.18 -32.67 4.70
C VAL B 171 -10.34 -31.72 5.90
N GLY B 172 -9.21 -31.37 6.54
CA GLY B 172 -9.17 -30.32 7.55
C GLY B 172 -9.57 -28.95 7.04
N HIS B 173 -9.24 -28.66 5.78
CA HIS B 173 -9.68 -27.42 5.12
C HIS B 173 -11.20 -27.39 4.87
N LEU B 174 -11.84 -28.55 4.76
CA LEU B 174 -13.30 -28.62 4.66
C LEU B 174 -14.03 -28.10 5.90
N ILE B 175 -13.38 -28.13 7.07
CA ILE B 175 -14.02 -27.74 8.34
C ILE B 175 -14.57 -26.31 8.33
N PRO B 176 -13.73 -25.29 8.01
CA PRO B 176 -14.28 -23.93 7.92
C PRO B 176 -15.26 -23.69 6.77
N PHE B 177 -15.00 -24.29 5.61
CA PHE B 177 -15.84 -24.09 4.43
C PHE B 177 -17.20 -24.80 4.49
N ILE B 178 -17.24 -26.00 5.04
CA ILE B 178 -18.51 -26.69 5.32
C ILE B 178 -19.36 -25.86 6.28
N PHE B 179 -18.73 -25.35 7.35
CA PHE B 179 -19.43 -24.53 8.34
C PHE B 179 -19.92 -23.21 7.75
N THR B 180 -19.07 -22.53 6.99
CA THR B 180 -19.43 -21.26 6.33
C THR B 180 -20.59 -21.44 5.34
N LYS B 181 -20.62 -22.56 4.63
CA LYS B 181 -21.73 -22.88 3.71
C LYS B 181 -23.05 -23.06 4.48
N TRP B 182 -23.00 -23.75 5.61
CA TRP B 182 -24.16 -23.90 6.49
C TRP B 182 -24.63 -22.54 7.03
N LEU B 183 -23.69 -21.73 7.50
CA LEU B 183 -24.00 -20.37 7.97
C LEU B 183 -24.67 -19.52 6.89
N GLN B 184 -24.20 -19.63 5.65
CA GLN B 184 -24.81 -18.92 4.52
C GLN B 184 -26.26 -19.36 4.27
N ASP B 185 -26.52 -20.67 4.35
CA ASP B 185 -27.88 -21.20 4.15
C ASP B 185 -28.85 -20.76 5.24
N VAL B 186 -28.48 -21.02 6.49
CA VAL B 186 -29.39 -20.79 7.64
C VAL B 186 -29.64 -19.31 7.97
N PHE B 187 -28.63 -18.45 7.76
CA PHE B 187 -28.80 -17.00 7.96
C PHE B 187 -29.21 -16.26 6.68
N ASN B 188 -28.95 -16.86 5.51
CA ASN B 188 -29.25 -16.25 4.20
C ASN B 188 -28.53 -14.90 4.01
N VAL B 189 -27.20 -14.99 3.93
CA VAL B 189 -26.34 -13.80 3.91
C VAL B 189 -25.29 -13.87 2.80
N PRO B 190 -24.82 -12.70 2.32
CA PRO B 190 -23.73 -12.72 1.34
C PRO B 190 -22.39 -13.16 1.95
N LEU B 191 -21.50 -13.65 1.10
CA LEU B 191 -20.22 -14.21 1.52
C LEU B 191 -19.12 -13.74 0.59
N VAL B 192 -17.98 -13.34 1.19
CA VAL B 192 -16.75 -13.04 0.43
C VAL B 192 -15.68 -14.04 0.85
N ILE B 193 -14.97 -14.60 -0.12
CA ILE B 193 -13.91 -15.58 0.13
C ILE B 193 -12.60 -15.07 -0.49
N GLN B 194 -11.63 -14.78 0.38
CA GLN B 194 -10.36 -14.21 -0.04
C GLN B 194 -9.37 -15.32 -0.37
N MET B 195 -8.89 -15.34 -1.61
CA MET B 195 -7.80 -16.21 -2.04
C MET B 195 -6.52 -15.40 -2.01
N THR B 196 -5.67 -15.67 -1.02
CA THR B 196 -4.47 -14.86 -0.78
C THR B 196 -3.27 -15.36 -1.58
N ASP B 197 -3.37 -15.22 -2.90
CA ASP B 197 -2.27 -15.58 -3.81
C ASP B 197 -1.05 -14.65 -3.65
N ASP B 198 -1.31 -13.38 -3.34
CA ASP B 198 -0.22 -12.43 -3.02
C ASP B 198 0.56 -12.85 -1.77
N GLU B 199 -0.15 -13.33 -0.74
CA GLU B 199 0.49 -13.88 0.46
C GLU B 199 1.45 -15.02 0.13
N LYS B 200 0.95 -15.99 -0.63
CA LYS B 200 1.75 -17.19 -0.91
C LYS B 200 2.90 -16.91 -1.88
N TYR B 201 2.72 -15.94 -2.78
CA TYR B 201 3.86 -15.43 -3.57
C TYR B 201 4.96 -14.89 -2.64
N LEU B 202 4.57 -14.07 -1.67
CA LEU B 202 5.52 -13.43 -0.74
C LEU B 202 6.23 -14.43 0.17
N TRP B 203 5.51 -15.47 0.62
CA TRP B 203 6.06 -16.47 1.56
C TRP B 203 6.72 -17.68 0.88
N LYS B 204 6.23 -18.09 -0.28
CA LYS B 204 6.69 -19.32 -0.93
C LYS B 204 7.50 -19.04 -2.20
N ASP B 205 8.19 -20.07 -2.67
CA ASP B 205 8.96 -20.00 -3.91
C ASP B 205 8.03 -20.23 -5.10
N LEU B 206 7.31 -19.19 -5.48
CA LEU B 206 6.34 -19.23 -6.59
C LEU B 206 6.40 -17.95 -7.41
N THR B 207 6.01 -18.04 -8.67
CA THR B 207 5.75 -16.85 -9.48
C THR B 207 4.33 -16.36 -9.22
N LEU B 208 4.02 -15.17 -9.71
CA LEU B 208 2.67 -14.59 -9.59
C LEU B 208 1.61 -15.46 -10.28
N ASP B 209 1.90 -15.92 -11.50
CA ASP B 209 0.98 -16.78 -12.24
C ASP B 209 0.77 -18.15 -11.58
N GLN B 210 1.83 -18.71 -11.00
CA GLN B 210 1.73 -19.99 -10.26
C GLN B 210 0.84 -19.86 -9.03
N ALA B 211 1.05 -18.80 -8.24
CA ALA B 211 0.21 -18.53 -7.06
C ALA B 211 -1.24 -18.30 -7.45
N TYR B 212 -1.46 -17.52 -8.51
CA TYR B 212 -2.80 -17.29 -9.06
C TYR B 212 -3.47 -18.58 -9.55
N SER B 213 -2.70 -19.44 -10.22
CA SER B 213 -3.25 -20.71 -10.72
C SER B 213 -3.75 -21.60 -9.58
N TYR B 214 -3.02 -21.63 -8.47
CA TYR B 214 -3.45 -22.35 -7.27
C TYR B 214 -4.72 -21.76 -6.64
N ALA B 215 -4.86 -20.44 -6.69
CA ALA B 215 -6.08 -19.76 -6.23
C ALA B 215 -7.31 -20.20 -7.04
N VAL B 216 -7.13 -20.36 -8.35
CA VAL B 216 -8.22 -20.83 -9.23
C VAL B 216 -8.57 -22.30 -8.94
N GLU B 217 -7.56 -23.15 -8.80
CA GLU B 217 -7.77 -24.56 -8.48
C GLU B 217 -8.39 -24.79 -7.10
N ASN B 218 -7.92 -24.04 -6.11
CA ASN B 218 -8.50 -24.08 -4.76
C ASN B 218 -9.93 -23.54 -4.73
N ALA B 219 -10.22 -22.53 -5.57
CA ALA B 219 -11.58 -21.99 -5.69
C ALA B 219 -12.59 -23.05 -6.15
N LYS B 220 -12.16 -23.97 -7.02
CA LYS B 220 -13.00 -25.10 -7.45
C LYS B 220 -13.35 -26.03 -6.27
N ASP B 221 -12.36 -26.30 -5.42
CA ASP B 221 -12.58 -27.09 -4.19
C ASP B 221 -13.53 -26.39 -3.24
N ILE B 222 -13.40 -25.06 -3.12
CA ILE B 222 -14.28 -24.25 -2.28
C ILE B 222 -15.70 -24.20 -2.85
N ILE B 223 -15.82 -23.99 -4.16
CA ILE B 223 -17.12 -24.02 -4.85
C ILE B 223 -17.80 -25.39 -4.69
N ALA B 224 -17.00 -26.47 -4.69
CA ALA B 224 -17.53 -27.84 -4.53
C ALA B 224 -18.19 -28.13 -3.18
N CYS B 225 -17.94 -27.29 -2.17
CA CYS B 225 -18.67 -27.35 -0.90
C CYS B 225 -20.14 -26.89 -1.01
N GLY B 226 -20.49 -26.22 -2.12
CA GLY B 226 -21.88 -25.96 -2.48
C GLY B 226 -22.39 -24.55 -2.22
N PHE B 227 -21.50 -23.56 -2.23
CA PHE B 227 -21.90 -22.17 -1.97
C PHE B 227 -22.77 -21.64 -3.11
N ASP B 228 -23.75 -20.80 -2.76
CA ASP B 228 -24.67 -20.24 -3.74
C ASP B 228 -23.94 -19.19 -4.59
N ILE B 229 -23.96 -19.40 -5.90
CA ILE B 229 -23.34 -18.48 -6.86
C ILE B 229 -23.96 -17.08 -6.86
N ASN B 230 -25.23 -16.99 -6.47
CA ASN B 230 -25.92 -15.70 -6.35
C ASN B 230 -25.59 -14.90 -5.09
N LYS B 231 -24.92 -15.53 -4.13
CA LYS B 231 -24.62 -14.91 -2.83
C LYS B 231 -23.14 -15.00 -2.40
N THR B 232 -22.24 -15.38 -3.31
CA THR B 232 -20.85 -15.68 -2.95
C THR B 232 -19.86 -15.06 -3.95
N PHE B 233 -18.92 -14.26 -3.43
CA PHE B 233 -17.85 -13.65 -4.21
C PHE B 233 -16.50 -14.18 -3.75
N ILE B 234 -15.89 -15.04 -4.56
CA ILE B 234 -14.55 -15.57 -4.30
C ILE B 234 -13.59 -14.68 -5.07
N PHE B 235 -12.50 -14.22 -4.45
CA PHE B 235 -11.58 -13.31 -5.13
C PHE B 235 -10.10 -13.56 -4.88
N SER B 236 -9.33 -13.47 -5.97
CA SER B 236 -7.87 -13.42 -5.92
C SER B 236 -7.47 -12.00 -5.53
N ASP B 237 -6.58 -11.88 -4.55
CA ASP B 237 -6.05 -10.56 -4.16
C ASP B 237 -5.32 -9.88 -5.31
N LEU B 238 -4.48 -10.63 -6.01
CA LEU B 238 -3.74 -10.12 -7.17
C LEU B 238 -4.66 -9.59 -8.26
N ASP B 239 -5.75 -10.29 -8.53
CA ASP B 239 -6.76 -9.85 -9.50
C ASP B 239 -7.64 -8.73 -8.96
N TYR B 240 -8.23 -8.95 -7.79
CA TYR B 240 -9.26 -8.04 -7.27
C TYR B 240 -8.73 -6.66 -6.84
N MET B 241 -7.48 -6.58 -6.36
CA MET B 241 -6.89 -5.29 -6.00
C MET B 241 -6.98 -4.27 -7.14
N GLY B 242 -6.77 -4.73 -8.37
CA GLY B 242 -6.92 -3.89 -9.57
C GLY B 242 -8.30 -3.72 -10.17
N MET B 243 -9.35 -4.20 -9.49
CA MET B 243 -10.74 -4.14 -9.97
C MET B 243 -11.68 -3.63 -8.89
N SER B 244 -11.21 -2.70 -8.06
CA SER B 244 -11.97 -2.24 -6.90
C SER B 244 -11.66 -0.81 -6.54
N SER B 245 -12.69 0.03 -6.54
CA SER B 245 -12.58 1.41 -6.07
C SER B 245 -12.54 1.53 -4.54
N GLY B 246 -12.78 0.41 -3.82
CA GLY B 246 -12.79 0.40 -2.36
C GLY B 246 -11.66 -0.36 -1.66
N PHE B 247 -11.20 -1.48 -2.22
CA PHE B 247 -10.33 -2.41 -1.49
C PHE B 247 -8.98 -1.82 -1.08
N TYR B 248 -8.26 -1.24 -2.05
CA TYR B 248 -6.95 -0.65 -1.77
C TYR B 248 -7.03 0.53 -0.79
N LYS B 249 -8.07 1.36 -0.94
CA LYS B 249 -8.30 2.48 -0.01
C LYS B 249 -8.35 2.04 1.45
N ASN B 250 -9.07 0.94 1.72
CA ASN B 250 -9.11 0.35 3.06
C ASN B 250 -7.78 -0.27 3.50
N VAL B 251 -7.05 -0.88 2.56
CA VAL B 251 -5.70 -1.40 2.84
C VAL B 251 -4.79 -0.26 3.32
N VAL B 252 -4.84 0.87 2.62
CA VAL B 252 -4.04 2.06 2.97
C VAL B 252 -4.45 2.66 4.32
N LYS B 253 -5.76 2.72 4.59
CA LYS B 253 -6.28 3.16 5.90
C LYS B 253 -5.71 2.31 7.04
N ILE B 254 -5.77 0.99 6.85
CA ILE B 254 -5.27 0.04 7.85
C ILE B 254 -3.76 0.18 8.01
N GLN B 255 -3.06 0.23 6.87
CA GLN B 255 -1.60 0.42 6.84
C GLN B 255 -1.11 1.67 7.59
N LYS B 256 -1.89 2.76 7.55
CA LYS B 256 -1.55 3.98 8.28
C LYS B 256 -1.63 3.84 9.81
N HIS B 257 -2.55 3.00 10.29
CA HIS B 257 -2.85 2.89 11.72
C HIS B 257 -2.27 1.63 12.40
N VAL B 258 -1.41 0.88 11.71
CA VAL B 258 -0.72 -0.27 12.27
C VAL B 258 0.78 -0.05 12.11
N THR B 259 1.50 -0.05 13.25
CA THR B 259 2.96 0.11 13.25
C THR B 259 3.64 -1.23 13.04
N PHE B 260 4.93 -1.19 12.69
CA PHE B 260 5.72 -2.40 12.58
C PHE B 260 5.90 -3.09 13.93
N ASN B 261 6.08 -2.30 14.99
CA ASN B 261 6.11 -2.83 16.37
C ASN B 261 4.87 -3.66 16.75
N GLN B 262 3.70 -3.25 16.25
CA GLN B 262 2.46 -3.99 16.48
C GLN B 262 2.48 -5.36 15.79
N VAL B 263 2.81 -5.38 14.49
CA VAL B 263 2.88 -6.65 13.74
C VAL B 263 4.02 -7.57 14.20
N LYS B 264 5.12 -7.00 14.67
CA LYS B 264 6.17 -7.76 15.35
C LYS B 264 5.62 -8.44 16.61
N GLY B 265 4.86 -7.70 17.41
CA GLY B 265 4.24 -8.23 18.62
C GLY B 265 3.14 -9.25 18.36
N ILE B 266 2.29 -8.97 17.37
CA ILE B 266 1.16 -9.84 17.04
C ILE B 266 1.60 -11.11 16.30
N PHE B 267 2.35 -10.95 15.22
CA PHE B 267 2.70 -12.06 14.32
C PHE B 267 4.12 -12.64 14.47
N GLY B 268 4.99 -11.96 15.22
CA GLY B 268 6.37 -12.39 15.39
C GLY B 268 7.28 -12.13 14.20
N PHE B 269 6.96 -11.12 13.39
CA PHE B 269 7.82 -10.73 12.26
C PHE B 269 9.09 -10.08 12.78
N THR B 270 10.15 -10.14 11.97
CA THR B 270 11.44 -9.52 12.29
C THR B 270 11.82 -8.52 11.21
N ASP B 271 12.82 -7.69 11.49
CA ASP B 271 13.30 -6.69 10.54
C ASP B 271 13.96 -7.27 9.27
N SER B 272 14.35 -8.55 9.31
CA SER B 272 14.85 -9.25 8.12
C SER B 272 13.74 -9.67 7.13
N ASP B 273 12.47 -9.62 7.55
CA ASP B 273 11.36 -9.95 6.65
C ASP B 273 11.17 -8.90 5.57
N CYS B 274 10.67 -9.35 4.42
CA CYS B 274 10.41 -8.45 3.30
C CYS B 274 9.24 -7.52 3.63
N ILE B 275 9.26 -6.32 3.06
CA ILE B 275 8.23 -5.30 3.33
C ILE B 275 6.81 -5.75 2.95
N GLY B 276 6.69 -6.66 1.98
CA GLY B 276 5.41 -7.29 1.63
C GLY B 276 4.79 -8.12 2.75
N LYS B 277 5.62 -8.94 3.42
CA LYS B 277 5.17 -9.72 4.58
C LYS B 277 4.70 -8.82 5.72
N ILE B 278 5.44 -7.74 5.95
CA ILE B 278 5.13 -6.78 7.02
C ILE B 278 3.78 -6.08 6.78
N SER B 279 3.48 -5.75 5.53
CA SER B 279 2.23 -5.08 5.18
C SER B 279 1.04 -6.03 4.91
N PHE B 280 1.31 -7.32 4.72
CA PHE B 280 0.25 -8.27 4.35
C PHE B 280 -0.96 -8.33 5.31
N PRO B 281 -0.72 -8.26 6.65
CA PRO B 281 -1.87 -8.29 7.57
C PRO B 281 -2.99 -7.28 7.27
N ALA B 282 -2.63 -6.13 6.70
CA ALA B 282 -3.62 -5.15 6.21
C ALA B 282 -4.52 -5.69 5.09
N ILE B 283 -3.95 -6.51 4.21
CA ILE B 283 -4.72 -7.12 3.10
C ILE B 283 -5.72 -8.16 3.62
N GLN B 284 -5.32 -8.97 4.60
CA GLN B 284 -6.24 -9.91 5.25
C GLN B 284 -7.27 -9.20 6.16
N ALA B 285 -6.93 -8.03 6.66
CA ALA B 285 -7.87 -7.20 7.43
C ALA B 285 -8.96 -6.56 6.57
N ALA B 286 -8.58 -6.10 5.36
CA ALA B 286 -9.45 -5.27 4.52
C ALA B 286 -10.86 -5.83 4.16
N PRO B 287 -10.99 -7.15 3.90
CA PRO B 287 -12.32 -7.70 3.61
C PRO B 287 -13.31 -7.69 4.78
N SER B 288 -12.83 -7.44 6.01
CA SER B 288 -13.68 -7.25 7.19
C SER B 288 -14.59 -6.03 7.10
N PHE B 289 -14.25 -5.06 6.26
CA PHE B 289 -14.98 -3.79 6.16
C PHE B 289 -15.74 -3.71 4.83
N SER B 290 -17.04 -3.45 4.91
CA SER B 290 -17.98 -3.63 3.79
C SER B 290 -17.72 -2.75 2.57
N ASN B 291 -17.24 -1.53 2.75
CA ASN B 291 -16.93 -0.65 1.60
C ASN B 291 -15.67 -1.02 0.80
N SER B 292 -14.98 -2.10 1.20
CA SER B 292 -14.01 -2.77 0.33
C SER B 292 -14.64 -3.39 -0.93
N PHE B 293 -15.92 -3.74 -0.86
CA PHE B 293 -16.64 -4.39 -1.95
C PHE B 293 -17.80 -3.51 -2.45
N PRO B 294 -17.48 -2.47 -3.25
CA PRO B 294 -18.51 -1.50 -3.68
C PRO B 294 -19.64 -2.07 -4.54
N GLN B 295 -19.37 -3.08 -5.36
CA GLN B 295 -20.44 -3.71 -6.16
C GLN B 295 -21.40 -4.59 -5.32
N ILE B 296 -20.98 -4.97 -4.11
CA ILE B 296 -21.83 -5.71 -3.18
C ILE B 296 -22.53 -4.78 -2.19
N PHE B 297 -21.78 -3.89 -1.56
CA PHE B 297 -22.27 -3.04 -0.46
C PHE B 297 -22.23 -1.51 -0.70
N ARG B 298 -21.77 -1.09 -1.88
CA ARG B 298 -21.57 0.34 -2.23
C ARG B 298 -20.69 1.11 -1.21
N ASP B 299 -21.16 2.24 -0.68
CA ASP B 299 -20.40 3.05 0.27
C ASP B 299 -20.79 2.76 1.73
N ARG B 300 -21.55 1.68 1.97
CA ARG B 300 -21.97 1.32 3.32
C ARG B 300 -20.76 0.87 4.14
N THR B 301 -20.59 1.48 5.31
CA THR B 301 -19.49 1.18 6.22
C THR B 301 -19.94 0.52 7.52
N ASP B 302 -21.24 0.23 7.62
CA ASP B 302 -21.88 -0.14 8.90
C ASP B 302 -22.33 -1.61 8.97
N ILE B 303 -22.10 -2.38 7.90
CA ILE B 303 -22.64 -3.74 7.80
C ILE B 303 -21.75 -4.68 8.62
N GLN B 304 -22.38 -5.43 9.53
CA GLN B 304 -21.68 -6.36 10.41
C GLN B 304 -20.98 -7.45 9.60
N CYS B 305 -19.73 -7.73 9.96
CA CYS B 305 -18.97 -8.83 9.36
C CYS B 305 -18.82 -9.97 10.37
N LEU B 306 -18.89 -11.20 9.88
CA LEU B 306 -18.67 -12.41 10.70
C LEU B 306 -17.64 -13.29 9.99
N ILE B 307 -16.60 -13.70 10.71
CA ILE B 307 -15.45 -14.42 10.13
C ILE B 307 -15.30 -15.83 10.72
N PRO B 308 -15.73 -16.86 9.97
CA PRO B 308 -15.42 -18.24 10.37
C PRO B 308 -14.00 -18.64 9.99
N CYS B 309 -13.30 -19.28 10.92
CA CYS B 309 -11.94 -19.79 10.67
C CYS B 309 -11.56 -20.77 11.77
N ALA B 310 -10.45 -21.50 11.58
CA ALA B 310 -9.82 -22.18 12.71
C ALA B 310 -9.07 -21.11 13.49
N ILE B 311 -8.87 -21.35 14.78
CA ILE B 311 -8.37 -20.33 15.70
C ILE B 311 -6.92 -19.84 15.41
N ASP B 312 -6.18 -20.56 14.56
CA ASP B 312 -4.86 -20.11 14.10
C ASP B 312 -4.85 -18.75 13.36
N GLN B 313 -5.96 -18.41 12.70
CA GLN B 313 -6.09 -17.11 12.01
C GLN B 313 -6.41 -15.92 12.91
N ASP B 314 -6.75 -16.18 14.17
CA ASP B 314 -7.20 -15.14 15.11
C ASP B 314 -6.31 -13.90 15.25
N PRO B 315 -4.97 -14.06 15.25
CA PRO B 315 -4.10 -12.86 15.33
C PRO B 315 -4.32 -11.80 14.25
N TYR B 316 -4.61 -12.21 13.02
CA TYR B 316 -4.98 -11.28 11.94
C TYR B 316 -6.18 -10.41 12.34
N PHE B 317 -7.15 -11.02 13.01
CA PHE B 317 -8.41 -10.35 13.33
C PHE B 317 -8.46 -9.75 14.74
N ARG B 318 -7.52 -10.11 15.60
CA ARG B 318 -7.21 -9.29 16.79
C ARG B 318 -6.71 -7.91 16.36
N MET B 319 -5.78 -7.90 15.40
CA MET B 319 -5.27 -6.66 14.80
C MET B 319 -6.41 -5.88 14.13
N THR B 320 -7.22 -6.58 13.33
CA THR B 320 -8.34 -5.95 12.61
C THR B 320 -9.36 -5.32 13.56
N ARG B 321 -9.70 -6.04 14.63
CA ARG B 321 -10.66 -5.56 15.63
C ARG B 321 -10.14 -4.32 16.38
N ASP B 322 -8.84 -4.27 16.66
CA ASP B 322 -8.22 -3.11 17.31
C ASP B 322 -8.16 -1.88 16.39
N VAL B 323 -7.82 -2.07 15.12
CA VAL B 323 -7.73 -0.93 14.18
C VAL B 323 -9.09 -0.39 13.74
N ALA B 324 -10.12 -1.24 13.72
CA ALA B 324 -11.46 -0.87 13.22
C ALA B 324 -12.05 0.43 13.79
N PRO B 325 -12.12 0.57 15.14
CA PRO B 325 -12.62 1.84 15.69
C PRO B 325 -11.70 3.05 15.42
N ARG B 326 -10.39 2.82 15.30
CA ARG B 326 -9.45 3.90 14.93
C ARG B 326 -9.65 4.44 13.51
N ILE B 327 -10.29 3.66 12.64
CA ILE B 327 -10.64 4.09 11.27
C ILE B 327 -12.16 4.16 11.01
N GLY B 328 -12.94 4.31 12.08
CA GLY B 328 -14.38 4.54 11.99
C GLY B 328 -15.24 3.40 11.47
N TYR B 329 -14.77 2.16 11.62
CA TYR B 329 -15.51 0.97 11.19
C TYR B 329 -15.88 0.08 12.37
N PRO B 330 -16.95 -0.73 12.25
CA PRO B 330 -17.24 -1.72 13.28
C PRO B 330 -16.23 -2.86 13.30
N LYS B 331 -16.13 -3.53 14.44
CA LYS B 331 -15.21 -4.65 14.61
C LYS B 331 -15.83 -5.91 14.00
N PRO B 332 -15.02 -6.72 13.26
CA PRO B 332 -15.57 -7.98 12.76
C PRO B 332 -15.77 -9.00 13.87
N ALA B 333 -16.89 -9.72 13.81
CA ALA B 333 -17.13 -10.85 14.72
C ALA B 333 -16.41 -12.08 14.19
N LEU B 334 -16.21 -13.07 15.08
CA LEU B 334 -15.50 -14.30 14.73
C LEU B 334 -16.19 -15.55 15.28
N LEU B 335 -15.98 -16.66 14.59
CA LEU B 335 -16.30 -18.00 15.08
C LEU B 335 -15.08 -18.88 14.82
N HIS B 336 -14.49 -19.41 15.88
CA HIS B 336 -13.25 -20.16 15.82
C HIS B 336 -13.49 -21.66 15.93
N SER B 337 -12.87 -22.43 15.03
CA SER B 337 -12.88 -23.89 15.10
C SER B 337 -11.61 -24.45 15.74
N THR B 338 -11.73 -25.67 16.23
CA THR B 338 -10.59 -26.49 16.63
C THR B 338 -9.88 -27.03 15.38
N PHE B 339 -8.72 -27.65 15.59
CA PHE B 339 -7.91 -28.17 14.50
C PHE B 339 -8.18 -29.64 14.23
N PHE B 340 -8.32 -29.98 12.95
CA PHE B 340 -8.34 -31.37 12.51
C PHE B 340 -6.90 -31.85 12.63
N PRO B 341 -6.64 -32.80 13.57
CA PRO B 341 -5.26 -33.11 13.92
C PRO B 341 -4.50 -33.90 12.85
N ALA B 342 -3.18 -33.90 12.97
CA ALA B 342 -2.30 -34.69 12.10
C ALA B 342 -2.53 -36.19 12.32
N LEU B 343 -2.28 -36.98 11.28
CA LEU B 343 -2.43 -38.45 11.35
C LEU B 343 -1.57 -39.07 12.45
N GLN B 344 -0.31 -38.63 12.54
CA GLN B 344 0.63 -39.16 13.54
C GLN B 344 0.33 -38.76 15.00
N GLY B 345 -0.50 -37.73 15.20
CA GLY B 345 -0.98 -37.37 16.54
C GLY B 345 -1.52 -35.95 16.68
N ALA B 346 -2.27 -35.72 17.75
CA ALA B 346 -2.91 -34.43 18.02
C ALA B 346 -1.95 -33.30 18.41
N GLN B 347 -0.71 -33.64 18.76
CA GLN B 347 0.37 -32.65 18.99
C GLN B 347 0.58 -31.63 17.86
N THR B 348 0.27 -32.01 16.62
CA THR B 348 0.32 -31.10 15.47
C THR B 348 -1.02 -31.16 14.72
N LYS B 349 -1.37 -30.07 14.03
CA LYS B 349 -2.55 -30.04 13.18
C LYS B 349 -2.24 -30.68 11.83
N MET B 350 -3.28 -31.08 11.12
CA MET B 350 -3.14 -31.55 9.75
C MET B 350 -2.75 -30.40 8.83
N SER B 351 -1.66 -30.56 8.09
CA SER B 351 -1.16 -29.53 7.18
C SER B 351 -0.52 -30.15 5.94
N ALA B 352 -0.75 -29.54 4.78
CA ALA B 352 -0.24 -30.03 3.50
C ALA B 352 1.29 -29.99 3.40
N SER B 353 1.93 -29.09 4.15
CA SER B 353 3.39 -28.99 4.23
C SER B 353 4.08 -30.30 4.61
N ASP B 354 3.43 -31.11 5.46
CA ASP B 354 3.87 -32.47 5.77
C ASP B 354 2.86 -33.47 5.19
N PRO B 355 3.15 -34.05 4.00
CA PRO B 355 2.27 -35.04 3.35
C PRO B 355 1.85 -36.24 4.20
N ASN B 356 2.73 -36.68 5.10
CA ASN B 356 2.43 -37.82 6.00
C ASN B 356 1.31 -37.53 7.02
N SER B 357 1.14 -36.26 7.39
CA SER B 357 0.06 -35.85 8.29
C SER B 357 -1.32 -35.77 7.61
N SER B 358 -1.35 -35.60 6.29
CA SER B 358 -2.56 -35.23 5.57
C SER B 358 -3.29 -36.38 4.88
N ILE B 359 -4.61 -36.33 4.93
CA ILE B 359 -5.48 -37.05 4.00
C ILE B 359 -5.98 -36.01 3.01
N PHE B 360 -5.45 -36.04 1.79
CA PHE B 360 -5.76 -35.03 0.78
C PHE B 360 -7.11 -35.27 0.13
N LEU B 361 -7.71 -34.20 -0.41
CA LEU B 361 -8.99 -34.27 -1.10
C LEU B 361 -8.91 -34.94 -2.48
N THR B 362 -7.68 -35.11 -3.01
CA THR B 362 -7.43 -35.87 -4.23
C THR B 362 -7.19 -37.38 -4.00
N ASP B 363 -7.15 -37.83 -2.74
CA ASP B 363 -6.88 -39.23 -2.42
C ASP B 363 -8.00 -40.17 -2.88
N THR B 364 -7.63 -41.37 -3.31
CA THR B 364 -8.57 -42.40 -3.73
C THR B 364 -9.09 -43.16 -2.50
N ALA B 365 -10.09 -44.01 -2.71
CA ALA B 365 -10.63 -44.87 -1.66
C ALA B 365 -9.55 -45.74 -1.00
N LYS B 366 -8.68 -46.32 -1.82
CA LYS B 366 -7.59 -47.18 -1.36
C LYS B 366 -6.54 -46.43 -0.53
N GLN B 367 -6.22 -45.22 -0.93
CA GLN B 367 -5.28 -44.36 -0.20
C GLN B 367 -5.83 -43.91 1.16
N ILE B 368 -7.15 -43.72 1.24
CA ILE B 368 -7.83 -43.38 2.50
C ILE B 368 -7.76 -44.55 3.49
N LYS B 369 -7.94 -45.78 3.00
CA LYS B 369 -7.80 -46.99 3.83
C LYS B 369 -6.40 -47.11 4.45
N THR B 370 -5.38 -46.95 3.60
CA THR B 370 -3.98 -47.13 3.99
C THR B 370 -3.54 -46.11 5.04
N LYS B 371 -3.88 -44.84 4.81
CA LYS B 371 -3.52 -43.75 5.74
C LYS B 371 -4.20 -43.92 7.10
N VAL B 372 -5.47 -44.31 7.12
CA VAL B 372 -6.21 -44.53 8.36
C VAL B 372 -5.67 -45.76 9.11
N ASN B 373 -5.52 -46.87 8.39
CA ASN B 373 -5.07 -48.13 9.01
C ASN B 373 -3.62 -48.09 9.50
N LYS B 374 -2.70 -47.65 8.64
CA LYS B 374 -1.25 -47.68 8.95
C LYS B 374 -0.74 -46.48 9.75
N HIS B 375 -1.22 -45.28 9.43
CA HIS B 375 -0.63 -44.03 9.93
C HIS B 375 -1.42 -43.27 11.02
N ALA B 376 -2.75 -43.45 11.07
CA ALA B 376 -3.57 -42.75 12.07
C ALA B 376 -3.29 -43.30 13.48
N PHE B 377 -2.80 -42.43 14.36
CA PHE B 377 -2.34 -42.81 15.70
C PHE B 377 -3.46 -43.44 16.53
N SER B 378 -3.12 -44.56 17.19
CA SER B 378 -4.08 -45.31 18.01
C SER B 378 -3.95 -44.93 19.48
N GLY B 379 -5.09 -44.68 20.11
CA GLY B 379 -5.18 -44.46 21.56
C GLY B 379 -5.35 -45.77 22.34
N GLY B 380 -5.66 -46.85 21.63
CA GLY B 380 -5.76 -48.18 22.24
C GLY B 380 -4.41 -48.74 22.64
N ARG B 381 -4.46 -49.78 23.47
CA ARG B 381 -3.24 -50.44 23.97
C ARG B 381 -2.73 -51.38 22.89
N ASP B 382 -1.41 -51.56 22.83
CA ASP B 382 -0.82 -52.64 22.02
C ASP B 382 -1.14 -53.98 22.68
N THR B 383 -1.34 -55.01 21.86
CA THR B 383 -1.89 -56.32 22.27
C THR B 383 -3.40 -56.22 22.56
N ILE B 384 -4.14 -57.28 22.21
CA ILE B 384 -5.60 -57.31 22.35
C ILE B 384 -6.00 -57.51 23.83
N GLU B 385 -5.24 -58.31 24.57
CA GLU B 385 -5.52 -58.58 25.99
C GLU B 385 -5.48 -57.33 26.86
N GLU B 386 -4.47 -56.49 26.65
CA GLU B 386 -4.34 -55.21 27.36
C GLU B 386 -5.43 -54.20 26.98
N HIS B 387 -5.90 -54.26 25.73
CA HIS B 387 -6.96 -53.38 25.24
C HIS B 387 -8.30 -53.61 25.96
N ARG B 388 -8.67 -54.88 26.15
CA ARG B 388 -9.88 -55.23 26.90
C ARG B 388 -9.72 -55.04 28.42
N GLN B 389 -8.50 -55.24 28.92
CA GLN B 389 -8.20 -55.07 30.34
C GLN B 389 -8.17 -53.60 30.75
N PHE B 390 -7.37 -52.80 30.03
CA PHE B 390 -7.14 -51.38 30.38
C PHE B 390 -8.12 -50.42 29.70
N GLY B 391 -8.51 -50.72 28.46
CA GLY B 391 -9.45 -49.88 27.70
C GLY B 391 -8.74 -48.92 26.77
N GLY B 392 -9.45 -48.48 25.73
CA GLY B 392 -8.94 -47.48 24.79
C GLY B 392 -9.01 -46.08 25.36
N ASN B 393 -8.30 -45.16 24.70
CA ASN B 393 -8.24 -43.75 25.11
C ASN B 393 -8.68 -42.85 23.95
N CYS B 394 -9.94 -42.41 24.00
CA CYS B 394 -10.51 -41.51 22.98
C CYS B 394 -9.84 -40.12 22.95
N ASP B 395 -9.35 -39.67 24.11
CA ASP B 395 -8.72 -38.34 24.22
C ASP B 395 -7.39 -38.19 23.47
N VAL B 396 -6.73 -39.29 23.12
CA VAL B 396 -5.52 -39.26 22.29
C VAL B 396 -5.64 -39.97 20.92
N ASP B 397 -6.73 -40.70 20.70
CA ASP B 397 -6.92 -41.46 19.46
C ASP B 397 -7.31 -40.53 18.31
N VAL B 398 -6.49 -40.50 17.27
CA VAL B 398 -6.71 -39.64 16.10
C VAL B 398 -7.94 -40.08 15.28
N SER B 399 -8.13 -41.39 15.16
CA SER B 399 -9.26 -41.92 14.38
C SER B 399 -10.62 -41.58 15.01
N PHE B 400 -10.70 -41.61 16.34
CA PHE B 400 -11.89 -41.14 17.05
C PHE B 400 -12.08 -39.64 16.90
N MET B 401 -10.99 -38.87 17.00
CA MET B 401 -11.05 -37.42 16.79
C MET B 401 -11.65 -37.08 15.43
N TYR B 402 -11.21 -37.78 14.37
CA TYR B 402 -11.76 -37.57 13.02
C TYR B 402 -13.25 -37.89 12.92
N LEU B 403 -13.70 -38.92 13.66
CA LEU B 403 -15.12 -39.26 13.73
C LEU B 403 -15.99 -38.15 14.34
N THR B 404 -15.45 -37.44 15.34
CA THR B 404 -16.19 -36.33 15.97
C THR B 404 -16.50 -35.22 14.94
N PHE B 405 -15.59 -35.00 14.00
CA PHE B 405 -15.79 -34.04 12.91
C PHE B 405 -16.82 -34.51 11.88
N PHE B 406 -16.76 -35.77 11.45
CA PHE B 406 -17.49 -36.21 10.25
C PHE B 406 -18.56 -37.30 10.39
N LEU B 407 -18.60 -38.05 11.49
CA LEU B 407 -19.69 -39.01 11.74
C LEU B 407 -20.96 -38.23 12.06
N GLU B 408 -22.00 -38.41 11.24
CA GLU B 408 -23.18 -37.54 11.30
C GLU B 408 -24.11 -37.79 12.49
N ASP B 409 -24.24 -39.05 12.91
CA ASP B 409 -25.13 -39.41 14.03
C ASP B 409 -24.45 -39.22 15.39
N ASP B 410 -25.09 -38.46 16.28
CA ASP B 410 -24.57 -38.20 17.63
C ASP B 410 -24.60 -39.44 18.53
N ASP B 411 -25.68 -40.22 18.46
CA ASP B 411 -25.84 -41.43 19.29
C ASP B 411 -24.81 -42.51 18.96
N LYS B 412 -24.53 -42.69 17.66
CA LYS B 412 -23.53 -43.65 17.19
C LYS B 412 -22.11 -43.25 17.62
N LEU B 413 -21.83 -41.94 17.62
CA LEU B 413 -20.54 -41.42 18.09
C LEU B 413 -20.34 -41.72 19.57
N GLU B 414 -21.39 -41.53 20.37
CA GLU B 414 -21.36 -41.81 21.81
C GLU B 414 -21.21 -43.31 22.10
N GLN B 415 -21.89 -44.15 21.32
CA GLN B 415 -21.78 -45.61 21.44
C GLN B 415 -20.35 -46.08 21.11
N ILE B 416 -19.76 -45.49 20.08
CA ILE B 416 -18.36 -45.77 19.70
C ILE B 416 -17.40 -45.30 20.79
N ARG B 417 -17.67 -44.12 21.37
CA ARG B 417 -16.87 -43.59 22.49
C ARG B 417 -16.91 -44.53 23.69
N LYS B 418 -18.11 -44.98 24.05
CA LYS B 418 -18.33 -45.89 25.18
C LYS B 418 -17.61 -47.23 24.99
N ASP B 419 -17.82 -47.85 23.82
CA ASP B 419 -17.26 -49.18 23.54
C ASP B 419 -15.74 -49.19 23.40
N TYR B 420 -15.19 -48.17 22.75
CA TYR B 420 -13.73 -48.03 22.60
C TYR B 420 -13.06 -47.78 23.96
N THR B 421 -13.68 -46.95 24.79
CA THR B 421 -13.18 -46.66 26.13
C THR B 421 -13.23 -47.89 27.06
N SER B 422 -14.34 -48.64 27.00
CA SER B 422 -14.51 -49.86 27.81
C SER B 422 -13.61 -51.01 27.33
N GLY B 423 -13.33 -51.06 26.02
CA GLY B 423 -12.51 -52.10 25.40
C GLY B 423 -13.24 -53.09 24.52
N ALA B 424 -14.53 -52.86 24.27
CA ALA B 424 -15.34 -53.74 23.41
C ALA B 424 -14.91 -53.64 21.94
N MET B 425 -14.79 -52.41 21.44
CA MET B 425 -14.25 -52.15 20.11
C MET B 425 -12.72 -52.08 20.15
N LEU B 426 -12.07 -52.74 19.20
CA LEU B 426 -10.63 -52.59 18.99
C LEU B 426 -10.40 -51.45 17.99
N THR B 427 -9.18 -50.93 17.96
CA THR B 427 -8.74 -49.92 16.99
C THR B 427 -9.10 -50.28 15.55
N GLY B 428 -8.86 -51.53 15.17
CA GLY B 428 -9.22 -52.04 13.84
C GLY B 428 -10.68 -51.84 13.47
N GLU B 429 -11.57 -52.07 14.43
CA GLU B 429 -13.01 -51.85 14.23
C GLU B 429 -13.37 -50.37 14.19
N LEU B 430 -12.71 -49.56 15.03
CA LEU B 430 -12.89 -48.11 15.05
C LEU B 430 -12.44 -47.47 13.73
N LYS B 431 -11.23 -47.83 13.31
CA LYS B 431 -10.65 -47.33 12.06
C LYS B 431 -11.46 -47.72 10.82
N LYS B 432 -12.10 -48.89 10.83
CA LYS B 432 -12.94 -49.34 9.73
C LYS B 432 -14.22 -48.49 9.60
N ALA B 433 -14.80 -48.10 10.74
CA ALA B 433 -15.97 -47.22 10.76
C ALA B 433 -15.65 -45.80 10.28
N LEU B 434 -14.44 -45.31 10.61
CA LEU B 434 -13.95 -44.02 10.12
C LEU B 434 -13.79 -44.02 8.59
N ILE B 435 -13.21 -45.08 8.06
CA ILE B 435 -13.02 -45.25 6.60
C ILE B 435 -14.34 -45.15 5.82
N GLU B 436 -15.40 -45.74 6.38
CA GLU B 436 -16.74 -45.72 5.75
C GLU B 436 -17.40 -44.34 5.72
N VAL B 437 -16.93 -43.41 6.56
CA VAL B 437 -17.38 -42.01 6.53
C VAL B 437 -16.51 -41.16 5.58
N LEU B 438 -15.19 -41.32 5.68
CA LEU B 438 -14.25 -40.50 4.90
C LEU B 438 -14.25 -40.81 3.39
N GLN B 439 -14.53 -42.06 3.02
CA GLN B 439 -14.57 -42.45 1.59
C GLN B 439 -15.68 -41.75 0.79
N PRO B 440 -16.96 -41.84 1.24
CA PRO B 440 -18.01 -41.08 0.56
C PRO B 440 -17.91 -39.54 0.74
N LEU B 441 -17.27 -39.08 1.82
CA LEU B 441 -17.01 -37.64 2.01
C LEU B 441 -16.14 -37.10 0.89
N ILE B 442 -14.97 -37.73 0.71
CA ILE B 442 -13.99 -37.30 -0.29
C ILE B 442 -14.45 -37.61 -1.73
N ALA B 443 -15.08 -38.78 -1.93
CA ALA B 443 -15.55 -39.19 -3.27
C ALA B 443 -16.62 -38.26 -3.83
N GLU B 444 -17.59 -37.90 -2.99
CA GLU B 444 -18.65 -36.96 -3.38
C GLU B 444 -18.11 -35.56 -3.64
N HIS B 445 -17.11 -35.14 -2.85
CA HIS B 445 -16.44 -33.86 -3.07
C HIS B 445 -15.68 -33.83 -4.41
N GLN B 446 -15.00 -34.92 -4.73
CA GLN B 446 -14.34 -35.09 -6.04
C GLN B 446 -15.33 -35.05 -7.21
N ALA B 447 -16.52 -35.63 -7.01
CA ALA B 447 -17.59 -35.60 -8.02
C ALA B 447 -18.16 -34.20 -8.22
N ARG B 448 -18.41 -33.49 -7.12
CA ARG B 448 -18.89 -32.10 -7.18
C ARG B 448 -17.83 -31.13 -7.76
N ARG B 449 -16.56 -31.37 -7.42
CA ARG B 449 -15.45 -30.57 -7.97
C ARG B 449 -15.34 -30.70 -9.49
N LYS B 450 -15.63 -31.90 -10.01
CA LYS B 450 -15.56 -32.17 -11.46
C LYS B 450 -16.63 -31.39 -12.25
N GLU B 451 -17.77 -31.11 -11.61
CA GLU B 451 -18.84 -30.32 -12.23
C GLU B 451 -18.55 -28.81 -12.27
N VAL B 452 -17.55 -28.35 -11.51
CA VAL B 452 -17.16 -26.93 -11.51
C VAL B 452 -16.42 -26.61 -12.82
N THR B 453 -17.11 -25.99 -13.75
CA THR B 453 -16.56 -25.62 -15.05
C THR B 453 -15.69 -24.37 -14.94
N ASP B 454 -14.99 -24.03 -16.02
CA ASP B 454 -14.22 -22.78 -16.10
C ASP B 454 -15.13 -21.53 -16.10
N GLU B 455 -16.37 -21.68 -16.56
CA GLU B 455 -17.33 -20.58 -16.61
C GLU B 455 -17.90 -20.28 -15.21
N ILE B 456 -18.17 -21.33 -14.43
CA ILE B 456 -18.68 -21.18 -13.06
C ILE B 456 -17.63 -20.51 -12.17
N VAL B 457 -16.41 -21.06 -12.13
CA VAL B 457 -15.34 -20.48 -11.33
C VAL B 457 -15.05 -19.01 -11.73
N LYS B 458 -15.12 -18.73 -13.03
CA LYS B 458 -14.97 -17.36 -13.54
C LYS B 458 -16.07 -16.44 -12.99
N GLU B 459 -17.33 -16.90 -13.04
CA GLU B 459 -18.46 -16.11 -12.55
C GLU B 459 -18.38 -15.86 -11.05
N PHE B 460 -18.07 -16.91 -10.27
CA PHE B 460 -17.79 -16.77 -8.83
C PHE B 460 -16.76 -15.68 -8.53
N MET B 461 -15.71 -15.62 -9.36
CA MET B 461 -14.59 -14.69 -9.19
C MET B 461 -14.72 -13.33 -9.88
N THR B 462 -15.85 -13.08 -10.55
CA THR B 462 -16.10 -11.79 -11.21
C THR B 462 -16.75 -10.82 -10.21
N PRO B 463 -16.18 -9.61 -10.06
CA PRO B 463 -16.88 -8.57 -9.28
C PRO B 463 -18.26 -8.27 -9.87
N ARG B 464 -19.29 -8.41 -9.05
CA ARG B 464 -20.68 -8.28 -9.51
C ARG B 464 -21.59 -8.03 -8.31
N LYS B 465 -22.81 -7.57 -8.58
CA LYS B 465 -23.80 -7.39 -7.52
C LYS B 465 -24.50 -8.73 -7.26
N LEU B 466 -24.58 -9.09 -5.98
CA LEU B 466 -25.18 -10.35 -5.54
C LEU B 466 -26.68 -10.15 -5.32
N SER B 467 -27.39 -11.24 -5.03
CA SER B 467 -28.85 -11.17 -4.84
C SER B 467 -29.23 -10.61 -3.46
N PHE B 468 -28.83 -9.36 -3.22
CA PHE B 468 -29.08 -8.61 -1.98
C PHE B 468 -29.07 -7.12 -2.30
N ASP B 469 -29.94 -6.36 -1.66
CA ASP B 469 -30.04 -4.91 -1.87
C ASP B 469 -29.67 -4.15 -0.59
N PHE B 470 -28.87 -3.10 -0.75
CA PHE B 470 -28.44 -2.24 0.36
C PHE B 470 -28.60 -0.77 -0.03
P TYM C . 7.92 15.98 -4.21
O1P TYM C . 8.55 16.21 -2.86
O2P TYM C . 6.45 16.25 -4.43
O5' TYM C . 8.73 16.82 -5.31
C5' TYM C . 8.35 16.79 -6.69
C4' TYM C . 9.56 16.92 -7.60
O4' TYM C . 10.22 18.16 -7.39
C1' TYM C . 11.56 17.96 -6.93
N9 TYM C . 11.84 19.05 -5.96
C4 TYM C . 12.71 20.02 -6.21
N3 TYM C . 13.55 20.31 -7.24
C2 TYM C . 14.35 21.38 -7.20
N1 TYM C . 14.36 22.24 -6.14
C6 TYM C . 13.57 22.08 -5.06
N6 TYM C . 13.61 22.96 -4.02
C5 TYM C . 12.66 20.90 -5.03
N7 TYM C . 11.75 20.38 -4.19
C8 TYM C . 11.26 19.27 -4.78
C2' TYM C . 11.60 16.54 -6.39
O2' TYM C . 12.90 15.94 -6.48
C3' TYM C . 10.62 15.86 -7.32
O3' TYM C . 11.25 15.53 -8.57
NH3 TYM C . 7.61 10.90 -3.67
CA TYM C . 7.80 11.98 -4.64
CB TYM C . 6.79 11.86 -5.77
CG TYM C . 7.30 10.95 -6.87
CD2 TYM C . 8.42 11.18 -7.79
CE2 TYM C . 8.49 9.99 -8.66
CE3 TYM C . 9.30 12.23 -7.95
CD1 TYM C . 6.80 9.70 -7.23
NE1 TYM C . 7.49 9.17 -8.27
CZ2 TYM C . 9.47 9.95 -9.65
CZ3 TYM C . 10.28 12.15 -8.95
CH2 TYM C . 10.37 11.03 -9.78
C TYM C . 7.66 13.32 -3.99
O TYM C . 7.09 13.46 -2.91
OPP TYM C . 8.24 14.47 -4.66
MG MG D . 8.15 15.32 -0.59
MG MG E . 5.84 17.03 -1.39
P TYM F . -4.99 -21.46 5.20
O1P TYM F . -4.99 -21.67 3.71
O2P TYM F . -3.77 -21.80 6.02
O5' TYM F . -6.25 -22.27 5.81
C5' TYM F . -7.56 -22.11 5.26
C4' TYM F . -8.60 -22.35 6.34
O4' TYM F . -8.50 -23.68 6.85
C1' TYM F . -8.27 -23.64 8.26
N9 TYM F . -7.39 -24.78 8.61
C4 TYM F . -7.77 -25.81 9.36
N3 TYM F . -8.92 -26.12 10.03
C2 TYM F . -9.02 -27.26 10.75
N1 TYM F . -8.00 -28.14 10.86
C6 TYM F . -6.79 -27.94 10.25
N6 TYM F . -5.79 -28.84 10.38
C5 TYM F . -6.62 -26.71 9.44
N7 TYM F . -5.64 -26.15 8.70
C8 TYM F . -6.13 -24.98 8.20
C2' TYM F . -7.70 -22.26 8.56
O2' TYM F . -7.96 -21.80 9.89
C3' TYM F . -8.43 -21.43 7.54
O3' TYM F . -9.70 -21.04 8.06
NH3 TYM F . -4.19 -16.40 5.37
CA TYM F . -5.21 -17.42 5.33
CB TYM F . -6.23 -17.12 4.23
CG TYM F . -7.32 -16.19 4.71
CD2 TYM F . -8.37 -16.47 5.70
CE2 TYM F . -9.18 -15.23 5.79
CE3 TYM F . -8.68 -17.58 6.46
CD1 TYM F . -7.55 -14.88 4.31
NE1 TYM F . -8.63 -14.35 4.94
CZ2 TYM F . -10.26 -15.22 6.67
CZ3 TYM F . -9.77 -17.52 7.33
CH2 TYM F . -10.54 -16.36 7.43
C TYM F . -4.63 -18.79 5.12
O TYM F . -3.52 -18.94 4.63
OPP TYM F . -5.42 -19.94 5.52
MG MG G . -3.71 -22.44 8.62
#